data_8XSQ
#
_entry.id   8XSQ
#
_cell.length_a   66.307
_cell.length_b   89.435
_cell.length_c   141.237
_cell.angle_alpha   90.00
_cell.angle_beta   90.00
_cell.angle_gamma   90.00
#
_symmetry.space_group_name_H-M   'P 21 21 21'
#
loop_
_entity.id
_entity.type
_entity.pdbx_description
1 polymer 'Histidinol dehydrogenase'
2 water water
#
_entity_poly.entity_id   1
_entity_poly.type   'polypeptide(L)'
_entity_poly.pdbx_seq_one_letter_code
;MTAPFAIRRLNAADPDFGRHLDHLLSWESVSDDSVNQRVLDIIAAVRSRGDAAVVEFTQRFDGLQAASMADLILPRERLE
LALTRITVAQREALEVAAERVRSYHEKQKQGSWRYTEADGTVLGQQVTPLDRAGLYVPGGKASYPSSVLMNAIPAKVAGV
SEVVMVVPTPRGEINEIVLAAACIAGVDRVFTIGGAQAVAALAYGTESVPRVDKIVGPGNIYVATAKRHVFGQVGIDMIA
GPSEILVVCDGQTDPDWIAMDLFSQAEHDEDAQSILVSPDAAFLDRVADSIARLLPTMERAEIIRTSLEGRGALIQVADQ
AQACAVANRIAPEHLELSVADPESWLPEIRHAGAIFMGRYTAEALGDYCAGPNHVLPTSGTARFSSPLGVYDFQKRSSII
NCSAEGASVLGRTASVLARGESLTAHARSAEYRILDEKEA
;
_entity_poly.pdbx_strand_id   A,B
#
# COMPACT_ATOMS: atom_id res chain seq x y z
N ALA A 3 -33.24 -8.54 -33.96
CA ALA A 3 -33.52 -9.34 -32.79
C ALA A 3 -32.28 -9.95 -32.12
N PRO A 4 -31.40 -10.61 -32.88
CA PRO A 4 -30.19 -11.17 -32.25
C PRO A 4 -29.23 -10.07 -31.82
N PHE A 5 -28.56 -10.32 -30.70
CA PHE A 5 -27.64 -9.33 -30.15
C PHE A 5 -26.42 -9.17 -31.06
N ALA A 6 -26.07 -7.93 -31.34
CA ALA A 6 -24.90 -7.59 -32.16
C ALA A 6 -23.88 -6.89 -31.28
N ILE A 7 -22.81 -7.62 -30.92
CA ILE A 7 -21.80 -7.07 -30.04
C ILE A 7 -21.06 -5.93 -30.74
N ARG A 8 -20.66 -4.94 -29.95
CA ARG A 8 -19.87 -3.83 -30.45
C ARG A 8 -18.58 -4.31 -31.10
N ARG A 9 -18.24 -3.70 -32.24
CA ARG A 9 -17.05 -4.07 -33.01
C ARG A 9 -16.15 -2.85 -33.20
N LEU A 10 -14.86 -3.01 -32.89
CA LEU A 10 -13.85 -2.01 -33.15
C LEU A 10 -12.78 -2.60 -34.06
N ASN A 11 -12.09 -1.72 -34.79
CA ASN A 11 -11.04 -2.14 -35.71
C ASN A 11 -9.86 -1.19 -35.58
N ALA A 12 -8.71 -1.73 -35.17
CA ALA A 12 -7.51 -0.91 -35.05
C ALA A 12 -7.01 -0.38 -36.38
N ALA A 13 -7.51 -0.90 -37.51
CA ALA A 13 -7.19 -0.32 -38.80
C ALA A 13 -7.95 0.97 -39.06
N ASP A 14 -8.97 1.28 -38.27
CA ASP A 14 -9.70 2.53 -38.45
C ASP A 14 -8.89 3.70 -37.92
N PRO A 15 -8.82 4.80 -38.66
CA PRO A 15 -8.05 5.97 -38.17
C PRO A 15 -8.56 6.52 -36.85
N ASP A 16 -9.86 6.37 -36.57
CA ASP A 16 -10.44 6.87 -35.32
C ASP A 16 -10.53 5.80 -34.25
N PHE A 17 -9.74 4.73 -34.36
CA PHE A 17 -9.83 3.63 -33.40
C PHE A 17 -9.49 4.11 -31.99
N GLY A 18 -8.47 4.96 -31.85
CA GLY A 18 -8.07 5.41 -30.52
C GLY A 18 -9.17 6.15 -29.80
N ARG A 19 -9.96 6.96 -30.53
CA ARG A 19 -11.05 7.69 -29.91
C ARG A 19 -12.14 6.74 -29.41
N HIS A 20 -12.45 5.69 -30.18
CA HIS A 20 -13.46 4.74 -29.73
C HIS A 20 -12.96 3.92 -28.54
N LEU A 21 -11.68 3.53 -28.57
CA LEU A 21 -11.11 2.77 -27.46
C LEU A 21 -11.06 3.62 -26.20
N ASP A 22 -10.65 4.89 -26.33
CA ASP A 22 -10.65 5.78 -25.18
C ASP A 22 -12.02 5.86 -24.53
N HIS A 23 -13.07 5.97 -25.33
CA HIS A 23 -14.42 6.02 -24.77
C HIS A 23 -14.81 4.70 -24.13
N LEU A 24 -14.44 3.58 -24.77
CA LEU A 24 -14.77 2.27 -24.21
C LEU A 24 -14.13 2.07 -22.84
N LEU A 25 -12.91 2.55 -22.65
CA LEU A 25 -12.20 2.37 -21.39
C LEU A 25 -12.53 3.43 -20.35
N SER A 26 -13.08 4.56 -20.76
CA SER A 26 -13.44 5.62 -19.83
C SER A 26 -14.85 5.44 -19.30
N SER A 29 -21.02 4.70 -16.68
CA SER A 29 -22.40 5.19 -16.64
C SER A 29 -22.57 6.22 -15.53
N VAL A 30 -22.82 5.74 -14.30
CA VAL A 30 -22.92 6.65 -13.16
C VAL A 30 -21.57 7.31 -12.94
N SER A 31 -21.58 8.64 -12.85
CA SER A 31 -20.33 9.39 -12.78
C SER A 31 -19.59 9.08 -11.49
N ASP A 32 -18.25 9.18 -11.55
CA ASP A 32 -17.44 8.97 -10.36
C ASP A 32 -17.73 10.04 -9.31
N ASP A 33 -17.90 11.30 -9.74
CA ASP A 33 -18.20 12.37 -8.80
C ASP A 33 -19.52 12.13 -8.08
N SER A 34 -20.49 11.54 -8.79
CA SER A 34 -21.77 11.20 -8.16
C SER A 34 -21.58 10.13 -7.09
N VAL A 35 -20.88 9.05 -7.43
CA VAL A 35 -20.61 8.00 -6.45
C VAL A 35 -19.72 8.53 -5.33
N ASN A 36 -18.73 9.35 -5.68
CA ASN A 36 -17.80 9.86 -4.68
C ASN A 36 -18.51 10.69 -3.61
N GLN A 37 -19.43 11.56 -4.03
CA GLN A 37 -20.13 12.38 -3.04
C GLN A 37 -21.07 11.53 -2.20
N ARG A 38 -21.77 10.58 -2.83
CA ARG A 38 -22.62 9.65 -2.07
C ARG A 38 -21.80 8.88 -1.04
N VAL A 39 -20.60 8.42 -1.43
CA VAL A 39 -19.74 7.71 -0.50
C VAL A 39 -19.30 8.62 0.64
N LEU A 40 -18.91 9.86 0.32
CA LEU A 40 -18.53 10.81 1.37
C LEU A 40 -19.68 11.07 2.32
N ASP A 41 -20.89 11.27 1.78
CA ASP A 41 -22.06 11.48 2.63
C ASP A 41 -22.30 10.30 3.55
N ILE A 42 -22.17 9.08 3.02
CA ILE A 42 -22.45 7.90 3.82
C ILE A 42 -21.44 7.75 4.94
N ILE A 43 -20.15 7.96 4.64
CA ILE A 43 -19.12 7.86 5.67
C ILE A 43 -19.40 8.88 6.78
N ALA A 44 -19.69 10.12 6.41
CA ALA A 44 -19.96 11.15 7.40
C ALA A 44 -21.19 10.81 8.23
N ALA A 45 -22.20 10.20 7.60
CA ALA A 45 -23.42 9.85 8.34
C ALA A 45 -23.17 8.70 9.31
N VAL A 46 -22.39 7.70 8.90
CA VAL A 46 -22.08 6.59 9.79
C VAL A 46 -21.24 7.08 10.97
N ARG A 47 -20.28 7.96 10.71
CA ARG A 47 -19.47 8.50 11.80
C ARG A 47 -20.32 9.29 12.78
N SER A 48 -21.34 9.99 12.28
CA SER A 48 -22.15 10.85 13.13
C SER A 48 -23.22 10.07 13.87
N ARG A 49 -23.90 9.13 13.19
CA ARG A 49 -25.09 8.50 13.72
C ARG A 49 -24.94 7.01 13.98
N GLY A 50 -23.81 6.41 13.61
CA GLY A 50 -23.50 5.06 14.07
C GLY A 50 -24.48 4.02 13.57
N ASP A 51 -24.94 3.17 14.51
CA ASP A 51 -25.84 2.08 14.19
C ASP A 51 -27.05 2.56 13.41
N ALA A 52 -27.63 3.69 13.81
CA ALA A 52 -28.85 4.18 13.16
C ALA A 52 -28.62 4.44 11.68
N ALA A 53 -27.45 4.99 11.33
CA ALA A 53 -27.14 5.23 9.93
C ALA A 53 -26.93 3.92 9.18
N VAL A 54 -26.25 2.96 9.80
CA VAL A 54 -26.01 1.66 9.16
C VAL A 54 -27.34 0.98 8.86
N VAL A 55 -28.27 0.99 9.82
CA VAL A 55 -29.56 0.36 9.60
C VAL A 55 -30.33 1.08 8.50
N GLU A 56 -30.30 2.41 8.50
CA GLU A 56 -31.02 3.19 7.50
C GLU A 56 -30.51 2.88 6.09
N PHE A 57 -29.19 2.93 5.90
CA PHE A 57 -28.64 2.65 4.59
C PHE A 57 -28.86 1.20 4.18
N THR A 58 -28.87 0.28 5.15
CA THR A 58 -29.10 -1.12 4.83
C THR A 58 -30.53 -1.34 4.35
N GLN A 59 -31.51 -0.72 5.03
CA GLN A 59 -32.89 -0.78 4.58
C GLN A 59 -33.04 -0.21 3.17
N ARG A 60 -32.39 0.93 2.90
CA ARG A 60 -32.59 1.60 1.62
C ARG A 60 -31.90 0.86 0.47
N PHE A 61 -30.64 0.48 0.65
CA PHE A 61 -29.86 -0.04 -0.46
C PHE A 61 -29.96 -1.55 -0.61
N ASP A 62 -30.18 -2.29 0.47
CA ASP A 62 -30.31 -3.74 0.41
C ASP A 62 -31.77 -4.20 0.39
N GLY A 63 -32.72 -3.28 0.47
CA GLY A 63 -34.13 -3.63 0.35
C GLY A 63 -34.60 -4.62 1.38
N LEU A 64 -34.20 -4.45 2.64
CA LEU A 64 -34.66 -5.32 3.71
C LEU A 64 -35.30 -4.48 4.81
N GLN A 65 -35.95 -5.17 5.74
CA GLN A 65 -36.53 -4.55 6.92
C GLN A 65 -35.76 -5.02 8.13
N ALA A 66 -35.20 -4.09 8.89
CA ALA A 66 -34.47 -4.39 10.11
C ALA A 66 -34.82 -3.35 11.15
N ALA A 67 -35.45 -3.79 12.24
CA ALA A 67 -35.86 -2.85 13.29
C ALA A 67 -34.65 -2.20 13.94
N SER A 68 -33.57 -2.96 14.13
CA SER A 68 -32.39 -2.45 14.80
C SER A 68 -31.17 -3.15 14.25
N MET A 69 -30.00 -2.74 14.75
CA MET A 69 -28.75 -3.34 14.33
C MET A 69 -28.62 -4.80 14.77
N ALA A 70 -29.33 -5.20 15.83
CA ALA A 70 -29.29 -6.58 16.28
C ALA A 70 -29.83 -7.54 15.21
N ASP A 71 -30.76 -7.07 14.38
CA ASP A 71 -31.28 -7.91 13.29
C ASP A 71 -30.29 -8.07 12.16
N LEU A 72 -29.16 -7.36 12.20
CA LEU A 72 -28.16 -7.42 11.13
C LEU A 72 -26.89 -8.14 11.57
N ILE A 73 -26.92 -8.85 12.70
CA ILE A 73 -25.78 -9.60 13.19
C ILE A 73 -26.06 -11.09 13.01
N LEU A 74 -25.13 -11.79 12.35
CA LEU A 74 -25.20 -13.23 12.19
C LEU A 74 -24.24 -13.91 13.13
N PRO A 75 -24.71 -14.80 13.99
CA PRO A 75 -23.80 -15.53 14.86
C PRO A 75 -22.96 -16.51 14.07
N ARG A 76 -21.86 -16.91 14.70
CA ARG A 76 -20.97 -17.87 14.06
C ARG A 76 -21.66 -19.21 13.84
N GLU A 77 -22.63 -19.57 14.69
CA GLU A 77 -23.40 -20.79 14.48
C GLU A 77 -24.16 -20.76 13.15
N ARG A 78 -24.53 -19.55 12.68
CA ARG A 78 -25.15 -19.45 11.36
C ARG A 78 -24.18 -19.86 10.26
N LEU A 79 -22.88 -19.65 10.46
CA LEU A 79 -21.91 -20.14 9.50
C LEU A 79 -21.80 -21.66 9.55
N GLU A 80 -21.81 -22.23 10.75
CA GLU A 80 -21.83 -23.69 10.88
C GLU A 80 -23.08 -24.28 10.25
N LEU A 81 -24.23 -23.62 10.41
CA LEU A 81 -25.46 -24.07 9.77
C LEU A 81 -25.32 -24.06 8.26
N ALA A 82 -24.71 -23.00 7.72
CA ALA A 82 -24.51 -22.92 6.27
C ALA A 82 -23.66 -24.08 5.77
N LEU A 83 -22.65 -24.48 6.54
CA LEU A 83 -21.81 -25.59 6.12
C LEU A 83 -22.60 -26.89 6.04
N THR A 84 -23.66 -27.03 6.84
CA THR A 84 -24.50 -28.22 6.76
C THR A 84 -25.50 -28.14 5.60
N ARG A 85 -25.68 -26.97 4.99
CA ARG A 85 -26.72 -26.80 3.98
C ARG A 85 -26.23 -26.95 2.56
N ILE A 86 -24.93 -26.82 2.32
CA ILE A 86 -24.38 -26.92 0.97
C ILE A 86 -24.23 -28.39 0.60
N THR A 87 -23.99 -28.66 -0.68
CA THR A 87 -23.93 -30.04 -1.14
C THR A 87 -22.61 -30.68 -0.72
N VAL A 88 -22.54 -32.01 -0.88
CA VAL A 88 -21.32 -32.74 -0.57
C VAL A 88 -20.17 -32.25 -1.44
N ALA A 89 -20.42 -32.07 -2.74
CA ALA A 89 -19.36 -31.65 -3.65
C ALA A 89 -18.92 -30.22 -3.38
N GLN A 90 -19.87 -29.34 -3.06
CA GLN A 90 -19.52 -27.96 -2.73
C GLN A 90 -18.66 -27.90 -1.48
N ARG A 91 -19.02 -28.67 -0.45
CA ARG A 91 -18.26 -28.65 0.79
C ARG A 91 -16.85 -29.19 0.59
N GLU A 92 -16.71 -30.29 -0.16
CA GLU A 92 -15.38 -30.83 -0.40
C GLU A 92 -14.50 -29.85 -1.17
N ALA A 93 -15.09 -29.16 -2.16
CA ALA A 93 -14.32 -28.16 -2.89
C ALA A 93 -13.80 -27.07 -1.95
N LEU A 94 -14.65 -26.60 -1.04
CA LEU A 94 -14.24 -25.54 -0.11
C LEU A 94 -13.21 -26.03 0.89
N GLU A 95 -13.38 -27.26 1.39
CA GLU A 95 -12.44 -27.76 2.38
C GLU A 95 -11.09 -28.08 1.77
N VAL A 96 -11.08 -28.60 0.54
CA VAL A 96 -9.81 -28.87 -0.15
C VAL A 96 -9.06 -27.56 -0.38
N ALA A 97 -9.77 -26.57 -0.93
CA ALA A 97 -9.14 -25.27 -1.15
C ALA A 97 -8.62 -24.69 0.15
N ALA A 98 -9.40 -24.81 1.24
CA ALA A 98 -8.97 -24.26 2.52
C ALA A 98 -7.67 -24.91 3.00
N GLU A 99 -7.54 -26.23 2.86
CA GLU A 99 -6.33 -26.90 3.29
C GLU A 99 -5.12 -26.39 2.52
N ARG A 100 -5.27 -26.22 1.21
CA ARG A 100 -4.16 -25.73 0.40
C ARG A 100 -3.79 -24.29 0.75
N VAL A 101 -4.80 -23.44 0.94
CA VAL A 101 -4.54 -22.05 1.31
C VAL A 101 -3.91 -21.99 2.70
N ARG A 102 -4.47 -22.74 3.65
CA ARG A 102 -3.99 -22.70 5.02
C ARG A 102 -2.57 -23.25 5.13
N SER A 103 -2.30 -24.39 4.49
CA SER A 103 -0.97 -24.96 4.51
C SER A 103 0.06 -24.02 3.89
N TYR A 104 -0.32 -23.37 2.79
CA TYR A 104 0.59 -22.44 2.13
C TYR A 104 0.97 -21.29 3.06
N HIS A 105 -0.02 -20.68 3.71
CA HIS A 105 0.25 -19.51 4.53
C HIS A 105 0.99 -19.86 5.81
N GLU A 106 0.79 -21.07 6.35
CA GLU A 106 1.61 -21.52 7.47
C GLU A 106 3.08 -21.54 7.10
N LYS A 107 3.41 -21.98 5.89
CA LYS A 107 4.80 -22.04 5.47
C LYS A 107 5.40 -20.65 5.27
N GLN A 108 4.57 -19.68 4.87
CA GLN A 108 5.06 -18.35 4.54
C GLN A 108 5.09 -17.39 5.71
N LYS A 109 4.47 -17.76 6.83
CA LYS A 109 4.39 -16.86 7.98
C LYS A 109 5.79 -16.58 8.54
N GLN A 110 6.06 -15.30 8.81
CA GLN A 110 7.30 -14.88 9.45
C GLN A 110 6.94 -14.07 10.69
N GLY A 111 7.45 -14.51 11.84
CA GLY A 111 7.25 -13.81 13.09
C GLY A 111 8.42 -12.93 13.46
N SER A 112 8.46 -12.52 14.72
CA SER A 112 9.55 -11.68 15.21
C SER A 112 10.89 -12.37 15.00
N TRP A 113 11.91 -11.57 14.72
CA TRP A 113 13.24 -12.11 14.49
C TRP A 113 14.29 -11.11 14.97
N ARG A 114 15.48 -11.64 15.24
CA ARG A 114 16.64 -10.85 15.58
C ARG A 114 17.85 -11.44 14.87
N TYR A 115 18.72 -10.58 14.34
CA TYR A 115 19.98 -11.00 13.79
C TYR A 115 21.10 -10.23 14.48
N THR A 116 22.16 -10.93 14.88
CA THR A 116 23.27 -10.35 15.61
C THR A 116 24.45 -10.21 14.67
N GLU A 117 24.88 -8.97 14.44
CA GLU A 117 26.04 -8.72 13.60
C GLU A 117 27.31 -9.12 14.34
N ALA A 118 28.40 -9.22 13.58
CA ALA A 118 29.67 -9.64 14.17
C ALA A 118 30.16 -8.65 15.23
N ASP A 119 29.78 -7.38 15.11
CA ASP A 119 30.19 -6.38 16.10
C ASP A 119 29.25 -6.32 17.30
N GLY A 120 28.26 -7.20 17.39
CA GLY A 120 27.35 -7.23 18.51
C GLY A 120 26.05 -6.48 18.31
N THR A 121 25.94 -5.67 17.26
CA THR A 121 24.70 -4.98 16.97
C THR A 121 23.59 -5.99 16.66
N VAL A 122 22.42 -5.78 17.26
CA VAL A 122 21.26 -6.62 17.03
C VAL A 122 20.26 -5.84 16.18
N LEU A 123 19.81 -6.47 15.09
CA LEU A 123 18.79 -5.93 14.22
C LEU A 123 17.65 -6.92 14.13
N GLY A 124 16.45 -6.43 13.81
CA GLY A 124 15.33 -7.32 13.64
C GLY A 124 14.01 -6.57 13.59
N GLN A 125 12.93 -7.33 13.75
CA GLN A 125 11.59 -6.78 13.73
C GLN A 125 10.76 -7.46 14.81
N GLN A 126 9.98 -6.66 15.53
CA GLN A 126 8.94 -7.19 16.41
C GLN A 126 7.66 -7.26 15.59
N VAL A 127 7.11 -8.47 15.46
CA VAL A 127 5.96 -8.72 14.60
C VAL A 127 4.78 -9.11 15.48
N THR A 128 3.67 -8.41 15.31
CA THR A 128 2.44 -8.65 16.03
C THR A 128 1.28 -8.73 15.06
N PRO A 129 0.38 -9.70 15.22
CA PRO A 129 -0.82 -9.71 14.38
C PRO A 129 -1.69 -8.51 14.67
N LEU A 130 -2.42 -8.06 13.65
CA LEU A 130 -3.42 -7.03 13.89
C LEU A 130 -4.48 -7.55 14.86
N ASP A 131 -5.06 -6.62 15.62
CA ASP A 131 -6.12 -7.01 16.56
C ASP A 131 -7.35 -7.49 15.81
N ARG A 132 -7.79 -6.73 14.81
CA ARG A 132 -9.04 -6.98 14.12
C ARG A 132 -8.87 -6.72 12.63
N ALA A 133 -9.46 -7.58 11.82
CA ALA A 133 -9.51 -7.39 10.38
C ALA A 133 -10.96 -7.43 9.93
N GLY A 134 -11.32 -6.55 9.02
CA GLY A 134 -12.65 -6.53 8.42
C GLY A 134 -12.58 -7.06 7.00
N LEU A 135 -13.50 -7.98 6.69
CA LEU A 135 -13.53 -8.64 5.40
C LEU A 135 -14.82 -8.27 4.68
N TYR A 136 -14.71 -7.60 3.54
CA TYR A 136 -15.88 -7.28 2.74
C TYR A 136 -16.15 -8.41 1.76
N VAL A 137 -17.40 -8.86 1.72
CA VAL A 137 -17.82 -9.95 0.86
C VAL A 137 -19.07 -9.51 0.11
N PRO A 138 -19.08 -9.51 -1.22
CA PRO A 138 -20.28 -9.08 -1.95
C PRO A 138 -21.47 -9.96 -1.64
N GLY A 139 -22.66 -9.36 -1.69
CA GLY A 139 -23.86 -10.08 -1.38
C GLY A 139 -24.42 -10.85 -2.57
N GLY A 140 -25.36 -11.75 -2.27
CA GLY A 140 -26.06 -12.46 -3.31
C GLY A 140 -25.22 -13.56 -3.95
N LYS A 141 -25.54 -13.84 -5.22
CA LYS A 141 -24.97 -14.99 -5.91
C LYS A 141 -23.55 -14.71 -6.41
N ALA A 142 -23.30 -13.52 -6.94
CA ALA A 142 -22.03 -13.21 -7.59
C ALA A 142 -20.99 -12.83 -6.53
N SER A 143 -20.56 -13.84 -5.78
CA SER A 143 -19.64 -13.66 -4.67
C SER A 143 -18.79 -14.92 -4.56
N TYR A 144 -17.54 -14.85 -4.97
CA TYR A 144 -16.73 -16.06 -5.06
C TYR A 144 -16.25 -16.47 -3.67
N PRO A 145 -16.45 -17.74 -3.28
CA PRO A 145 -15.97 -18.17 -1.95
C PRO A 145 -14.46 -18.06 -1.79
N SER A 146 -13.70 -18.08 -2.89
CA SER A 146 -12.25 -17.90 -2.79
C SER A 146 -11.89 -16.56 -2.15
N SER A 147 -12.71 -15.52 -2.38
CA SER A 147 -12.44 -14.23 -1.75
C SER A 147 -12.48 -14.35 -0.23
N VAL A 148 -13.35 -15.20 0.31
CA VAL A 148 -13.41 -15.40 1.75
C VAL A 148 -12.19 -16.19 2.21
N LEU A 149 -11.93 -17.32 1.56
CA LEU A 149 -10.84 -18.20 1.99
C LEU A 149 -9.50 -17.50 1.94
N MET A 150 -9.20 -16.83 0.82
CA MET A 150 -7.86 -16.28 0.65
C MET A 150 -7.63 -14.99 1.42
N ASN A 151 -8.66 -14.45 2.08
CA ASN A 151 -8.49 -13.30 2.95
C ASN A 151 -8.57 -13.65 4.42
N ALA A 152 -9.57 -14.44 4.82
CA ALA A 152 -9.74 -14.74 6.24
C ALA A 152 -8.69 -15.73 6.74
N ILE A 153 -8.27 -16.68 5.91
CA ILE A 153 -7.34 -17.71 6.37
C ILE A 153 -5.97 -17.10 6.69
N PRO A 154 -5.35 -16.31 5.81
CA PRO A 154 -4.07 -15.69 6.20
C PRO A 154 -4.19 -14.80 7.42
N ALA A 155 -5.33 -14.15 7.61
CA ALA A 155 -5.54 -13.36 8.83
C ALA A 155 -5.50 -14.23 10.07
N LYS A 156 -6.17 -15.40 10.03
CA LYS A 156 -6.15 -16.30 11.17
C LYS A 156 -4.77 -16.93 11.36
N VAL A 157 -4.09 -17.27 10.25
CA VAL A 157 -2.74 -17.83 10.37
C VAL A 157 -1.79 -16.80 10.97
N ALA A 158 -1.98 -15.52 10.63
CA ALA A 158 -1.17 -14.46 11.23
C ALA A 158 -1.43 -14.33 12.72
N GLY A 159 -2.61 -14.73 13.18
CA GLY A 159 -2.98 -14.59 14.57
C GLY A 159 -3.95 -13.47 14.87
N VAL A 160 -4.66 -12.95 13.87
CA VAL A 160 -5.66 -11.92 14.10
C VAL A 160 -6.78 -12.52 14.95
N SER A 161 -7.03 -11.90 16.11
CA SER A 161 -7.96 -12.50 17.06
C SER A 161 -9.41 -12.39 16.58
N GLU A 162 -9.73 -11.39 15.77
CA GLU A 162 -11.13 -11.13 15.41
C GLU A 162 -11.18 -10.77 13.93
N VAL A 163 -11.70 -11.67 13.12
CA VAL A 163 -11.99 -11.40 11.71
C VAL A 163 -13.49 -11.15 11.59
N VAL A 164 -13.85 -9.94 11.18
CA VAL A 164 -15.24 -9.51 11.07
C VAL A 164 -15.60 -9.45 9.60
N MET A 165 -16.66 -10.15 9.21
CA MET A 165 -17.13 -10.16 7.84
C MET A 165 -18.38 -9.32 7.70
N VAL A 166 -18.42 -8.50 6.65
CA VAL A 166 -19.62 -7.76 6.26
C VAL A 166 -20.07 -8.31 4.91
N VAL A 167 -21.32 -8.75 4.85
CA VAL A 167 -21.88 -9.24 3.59
C VAL A 167 -23.33 -8.76 3.51
N PRO A 168 -23.68 -7.95 2.52
CA PRO A 168 -25.08 -7.54 2.39
C PRO A 168 -25.94 -8.71 1.97
N THR A 169 -27.22 -8.66 2.39
CA THR A 169 -28.21 -9.68 2.04
C THR A 169 -29.31 -8.99 1.26
N PRO A 170 -29.15 -8.82 -0.06
CA PRO A 170 -30.17 -8.11 -0.85
C PRO A 170 -31.52 -8.80 -0.75
N ARG A 171 -32.51 -8.06 -0.26
CA ARG A 171 -33.86 -8.58 -0.06
C ARG A 171 -33.86 -9.82 0.84
N GLY A 172 -32.89 -9.89 1.76
CA GLY A 172 -32.75 -11.00 2.66
C GLY A 172 -32.07 -12.22 2.09
N GLU A 173 -31.62 -12.18 0.84
CA GLU A 173 -31.02 -13.35 0.22
C GLU A 173 -29.66 -13.64 0.83
N ILE A 174 -29.43 -14.90 1.18
CA ILE A 174 -28.18 -15.37 1.76
C ILE A 174 -27.56 -16.40 0.82
N ASN A 175 -26.24 -16.33 0.67
CA ASN A 175 -25.48 -17.26 -0.14
C ASN A 175 -24.84 -18.28 0.81
N GLU A 176 -25.39 -19.49 0.84
CA GLU A 176 -24.91 -20.48 1.80
C GLU A 176 -23.49 -20.94 1.49
N ILE A 177 -23.08 -20.93 0.22
CA ILE A 177 -21.70 -21.30 -0.11
C ILE A 177 -20.73 -20.27 0.45
N VAL A 178 -21.09 -18.99 0.39
CA VAL A 178 -20.24 -17.93 0.94
C VAL A 178 -20.16 -18.05 2.45
N LEU A 179 -21.31 -18.26 3.12
CA LEU A 179 -21.30 -18.40 4.57
C LEU A 179 -20.55 -19.66 5.00
N ALA A 180 -20.66 -20.74 4.22
CA ALA A 180 -19.91 -21.94 4.53
C ALA A 180 -18.41 -21.70 4.40
N ALA A 181 -17.99 -20.99 3.35
CA ALA A 181 -16.58 -20.63 3.22
C ALA A 181 -16.11 -19.80 4.42
N ALA A 182 -16.96 -18.89 4.88
CA ALA A 182 -16.64 -18.09 6.06
C ALA A 182 -16.48 -18.97 7.29
N CYS A 183 -17.34 -19.97 7.45
CA CYS A 183 -17.18 -20.92 8.54
C CYS A 183 -15.83 -21.60 8.47
N ILE A 184 -15.49 -22.18 7.32
CA ILE A 184 -14.25 -22.90 7.15
C ILE A 184 -13.05 -21.98 7.35
N ALA A 185 -13.15 -20.74 6.87
CA ALA A 185 -12.04 -19.79 6.93
C ALA A 185 -11.84 -19.18 8.31
N GLY A 186 -12.72 -19.45 9.27
CA GLY A 186 -12.51 -18.98 10.62
C GLY A 186 -13.03 -17.59 10.91
N VAL A 187 -13.98 -17.10 10.11
CA VAL A 187 -14.58 -15.80 10.39
C VAL A 187 -15.26 -15.85 11.75
N ASP A 188 -15.07 -14.79 12.55
CA ASP A 188 -15.52 -14.76 13.93
C ASP A 188 -16.89 -14.12 14.09
N ARG A 189 -17.16 -13.02 13.39
CA ARG A 189 -18.45 -12.34 13.45
C ARG A 189 -18.87 -11.93 12.04
N VAL A 190 -20.19 -11.81 11.85
CA VAL A 190 -20.77 -11.48 10.56
C VAL A 190 -21.84 -10.42 10.76
N PHE A 191 -21.76 -9.35 9.97
CA PHE A 191 -22.80 -8.32 9.91
C PHE A 191 -23.36 -8.30 8.49
N THR A 192 -24.70 -8.36 8.37
CA THR A 192 -25.33 -8.34 7.05
C THR A 192 -25.51 -6.90 6.57
N ILE A 193 -24.38 -6.27 6.27
CA ILE A 193 -24.32 -4.91 5.77
C ILE A 193 -23.29 -4.85 4.65
N GLY A 194 -23.46 -3.87 3.78
CA GLY A 194 -22.57 -3.74 2.64
C GLY A 194 -22.31 -2.31 2.24
N GLY A 195 -21.76 -2.11 1.04
CA GLY A 195 -21.59 -0.79 0.50
C GLY A 195 -20.62 0.08 1.30
N ALA A 196 -20.73 1.39 1.06
CA ALA A 196 -19.88 2.34 1.76
C ALA A 196 -20.18 2.38 3.25
N GLN A 197 -21.43 2.12 3.64
CA GLN A 197 -21.78 2.17 5.06
C GLN A 197 -21.08 1.05 5.84
N ALA A 198 -20.93 -0.13 5.23
CA ALA A 198 -20.19 -1.20 5.89
C ALA A 198 -18.71 -0.85 6.04
N VAL A 199 -18.12 -0.28 4.98
CA VAL A 199 -16.71 0.13 5.06
C VAL A 199 -16.53 1.19 6.14
N ALA A 200 -17.44 2.18 6.18
CA ALA A 200 -17.32 3.24 7.18
C ALA A 200 -17.50 2.70 8.59
N ALA A 201 -18.42 1.73 8.77
CA ALA A 201 -18.65 1.17 10.09
C ALA A 201 -17.43 0.43 10.60
N LEU A 202 -16.76 -0.32 9.72
CA LEU A 202 -15.56 -1.05 10.12
C LEU A 202 -14.39 -0.10 10.37
N ALA A 203 -14.28 0.96 9.56
CA ALA A 203 -13.13 1.84 9.67
C ALA A 203 -13.19 2.69 10.93
N TYR A 204 -14.39 3.17 11.30
CA TYR A 204 -14.54 4.08 12.41
C TYR A 204 -15.23 3.48 13.62
N GLY A 205 -15.90 2.34 13.46
CA GLY A 205 -16.63 1.74 14.56
C GLY A 205 -18.00 2.37 14.76
N THR A 206 -18.97 1.56 15.17
CA THR A 206 -20.25 2.07 15.65
C THR A 206 -20.54 1.44 17.00
N GLU A 207 -21.76 1.64 17.50
CA GLU A 207 -22.13 1.04 18.79
C GLU A 207 -22.04 -0.49 18.72
N SER A 208 -22.36 -1.08 17.57
CA SER A 208 -22.38 -2.52 17.44
C SER A 208 -21.29 -3.08 16.52
N VAL A 209 -20.73 -2.28 15.64
CA VAL A 209 -19.70 -2.72 14.70
C VAL A 209 -18.34 -2.30 15.23
N PRO A 210 -17.42 -3.23 15.46
CA PRO A 210 -16.11 -2.84 16.01
C PRO A 210 -15.25 -2.15 14.96
N ARG A 211 -14.49 -1.15 15.41
CA ARG A 211 -13.42 -0.58 14.59
C ARG A 211 -12.34 -1.63 14.36
N VAL A 212 -11.98 -1.86 13.11
CA VAL A 212 -10.95 -2.83 12.76
C VAL A 212 -9.68 -2.09 12.39
N ASP A 213 -8.58 -2.86 12.26
CA ASP A 213 -7.29 -2.29 11.92
C ASP A 213 -7.04 -2.29 10.41
N LYS A 214 -7.69 -3.17 9.67
CA LYS A 214 -7.50 -3.28 8.23
C LYS A 214 -8.77 -3.83 7.61
N ILE A 215 -9.13 -3.30 6.44
CA ILE A 215 -10.30 -3.75 5.70
C ILE A 215 -9.82 -4.36 4.40
N VAL A 216 -10.26 -5.59 4.13
CA VAL A 216 -9.84 -6.31 2.93
C VAL A 216 -11.08 -6.88 2.25
N GLY A 217 -10.90 -7.28 0.99
CA GLY A 217 -11.96 -7.87 0.22
C GLY A 217 -12.42 -6.93 -0.89
N PRO A 218 -12.77 -7.50 -2.04
CA PRO A 218 -13.16 -6.67 -3.19
C PRO A 218 -14.65 -6.34 -3.22
N GLY A 219 -14.95 -5.10 -3.65
CA GLY A 219 -16.31 -4.65 -3.78
C GLY A 219 -16.51 -3.87 -5.06
N ASN A 220 -17.74 -3.45 -5.29
CA ASN A 220 -18.05 -2.65 -6.46
C ASN A 220 -17.56 -1.21 -6.21
N ILE A 221 -17.98 -0.27 -7.06
CA ILE A 221 -17.38 1.06 -7.05
C ILE A 221 -17.61 1.76 -5.72
N TYR A 222 -18.75 1.49 -5.06
CA TYR A 222 -19.03 2.12 -3.77
C TYR A 222 -18.08 1.64 -2.69
N VAL A 223 -17.78 0.35 -2.68
CA VAL A 223 -16.85 -0.19 -1.69
C VAL A 223 -15.44 0.28 -1.97
N ALA A 224 -15.03 0.22 -3.24
CA ALA A 224 -13.67 0.67 -3.60
C ALA A 224 -13.48 2.15 -3.27
N THR A 225 -14.47 2.98 -3.60
CA THR A 225 -14.37 4.40 -3.29
C THR A 225 -14.35 4.64 -1.78
N ALA A 226 -15.17 3.90 -1.03
CA ALA A 226 -15.16 4.03 0.42
C ALA A 226 -13.82 3.62 1.01
N LYS A 227 -13.24 2.53 0.50
CA LYS A 227 -11.93 2.11 1.00
C LYS A 227 -10.86 3.15 0.69
N ARG A 228 -10.96 3.79 -0.47
CA ARG A 228 -10.01 4.85 -0.83
C ARG A 228 -10.11 6.01 0.14
N HIS A 229 -11.31 6.31 0.63
CA HIS A 229 -11.52 7.47 1.49
C HIS A 229 -11.24 7.18 2.96
N VAL A 230 -11.33 5.93 3.40
CA VAL A 230 -10.97 5.59 4.79
C VAL A 230 -9.51 5.21 4.95
N PHE A 231 -8.75 5.18 3.86
CA PHE A 231 -7.32 4.93 3.95
C PHE A 231 -6.67 6.01 4.81
N GLY A 232 -5.89 5.57 5.80
CA GLY A 232 -5.35 6.49 6.78
C GLY A 232 -6.01 6.29 8.13
N GLN A 233 -7.35 6.20 8.12
CA GLN A 233 -8.06 5.80 9.34
C GLN A 233 -7.88 4.32 9.60
N VAL A 234 -7.74 3.52 8.54
CA VAL A 234 -7.67 2.08 8.63
C VAL A 234 -6.78 1.59 7.49
N GLY A 235 -6.11 0.46 7.70
CA GLY A 235 -5.40 -0.17 6.61
C GLY A 235 -6.37 -0.77 5.59
N ILE A 236 -5.92 -0.85 4.35
CA ILE A 236 -6.72 -1.46 3.29
C ILE A 236 -5.81 -2.29 2.39
N ASP A 237 -6.38 -3.33 1.78
CA ASP A 237 -5.59 -4.22 0.94
C ASP A 237 -5.37 -3.63 -0.45
N MET A 238 -6.43 -3.15 -1.09
CA MET A 238 -6.33 -2.64 -2.45
C MET A 238 -7.60 -1.86 -2.77
N ILE A 239 -7.59 -1.20 -3.92
CA ILE A 239 -8.76 -0.55 -4.48
C ILE A 239 -9.07 -1.27 -5.79
N ALA A 240 -10.11 -2.10 -5.77
CA ALA A 240 -10.45 -2.88 -6.95
C ALA A 240 -10.92 -1.98 -8.09
N GLY A 241 -10.61 -2.39 -9.31
CA GLY A 241 -11.17 -1.75 -10.48
C GLY A 241 -12.46 -2.42 -10.88
N PRO A 242 -13.06 -2.00 -11.99
CA PRO A 242 -14.25 -2.67 -12.48
C PRO A 242 -13.94 -4.11 -12.85
N SER A 243 -14.93 -4.98 -12.67
CA SER A 243 -14.80 -6.37 -13.10
C SER A 243 -14.50 -6.42 -14.59
N GLU A 244 -13.46 -7.15 -14.97
CA GLU A 244 -12.95 -6.96 -16.32
C GLU A 244 -12.21 -8.20 -16.80
N ILE A 245 -12.34 -8.49 -18.09
CA ILE A 245 -11.51 -9.46 -18.78
C ILE A 245 -11.14 -8.92 -20.15
N LEU A 246 -9.88 -9.12 -20.52
CA LEU A 246 -9.43 -8.97 -21.89
C LEU A 246 -9.00 -10.34 -22.39
N VAL A 247 -9.66 -10.82 -23.43
CA VAL A 247 -9.27 -12.04 -24.12
C VAL A 247 -8.50 -11.65 -25.36
N VAL A 248 -7.30 -12.21 -25.52
CA VAL A 248 -6.52 -12.09 -26.74
C VAL A 248 -6.46 -13.46 -27.38
N CYS A 249 -6.89 -13.56 -28.63
CA CYS A 249 -6.98 -14.84 -29.31
C CYS A 249 -6.38 -14.76 -30.70
N ASP A 250 -5.62 -15.78 -31.09
CA ASP A 250 -5.06 -15.87 -32.42
C ASP A 250 -6.05 -16.41 -33.44
N GLY A 251 -7.27 -16.76 -33.02
CA GLY A 251 -8.29 -17.26 -33.90
C GLY A 251 -8.42 -18.77 -33.95
N GLN A 252 -7.60 -19.50 -33.19
CA GLN A 252 -7.63 -20.96 -33.22
C GLN A 252 -8.18 -21.56 -31.93
N THR A 253 -8.96 -20.80 -31.18
CA THR A 253 -9.73 -21.31 -30.06
C THR A 253 -11.19 -21.38 -30.46
N ASP A 254 -11.88 -22.42 -30.01
CA ASP A 254 -13.30 -22.60 -30.31
C ASP A 254 -14.05 -21.31 -30.01
N PRO A 255 -14.84 -20.78 -30.94
CA PRO A 255 -15.49 -19.48 -30.71
C PRO A 255 -16.54 -19.53 -29.63
N ASP A 256 -17.16 -20.68 -29.37
CA ASP A 256 -18.10 -20.78 -28.27
C ASP A 256 -17.38 -20.66 -26.93
N TRP A 257 -16.17 -21.24 -26.83
CA TRP A 257 -15.36 -21.08 -25.64
C TRP A 257 -15.10 -19.60 -25.37
N ILE A 258 -14.62 -18.88 -26.38
CA ILE A 258 -14.27 -17.48 -26.21
C ILE A 258 -15.49 -16.65 -25.84
N ALA A 259 -16.62 -16.89 -26.52
CA ALA A 259 -17.85 -16.19 -26.17
C ALA A 259 -18.22 -16.42 -24.71
N MET A 260 -18.13 -17.68 -24.26
CA MET A 260 -18.46 -17.99 -22.87
C MET A 260 -17.45 -17.39 -21.90
N ASP A 261 -16.17 -17.34 -22.29
CA ASP A 261 -15.19 -16.67 -21.44
C ASP A 261 -15.53 -15.19 -21.26
N LEU A 262 -16.01 -14.56 -22.33
CA LEU A 262 -16.50 -13.19 -22.22
C LEU A 262 -17.74 -13.11 -21.33
N PHE A 263 -18.68 -14.05 -21.53
CA PHE A 263 -19.88 -14.10 -20.70
C PHE A 263 -19.54 -14.27 -19.23
N SER A 264 -18.46 -15.00 -18.92
CA SER A 264 -18.16 -15.32 -17.53
C SER A 264 -17.91 -14.05 -16.73
N GLN A 265 -17.13 -13.11 -17.28
CA GLN A 265 -16.95 -11.83 -16.61
C GLN A 265 -18.18 -10.94 -16.72
N ALA A 266 -18.84 -10.93 -17.89
CA ALA A 266 -20.00 -10.07 -18.10
C ALA A 266 -21.17 -10.42 -17.17
N GLU A 267 -21.26 -11.66 -16.68
CA GLU A 267 -22.36 -12.05 -15.82
C GLU A 267 -22.17 -11.62 -14.37
N HIS A 268 -20.98 -11.17 -13.98
CA HIS A 268 -20.74 -10.82 -12.59
C HIS A 268 -21.60 -9.62 -12.18
N ASP A 269 -21.62 -8.58 -13.00
CA ASP A 269 -22.38 -7.37 -12.69
C ASP A 269 -22.54 -6.55 -13.96
N GLU A 270 -23.48 -5.60 -13.92
CA GLU A 270 -23.86 -4.86 -15.11
C GLU A 270 -22.76 -3.92 -15.60
N ASP A 271 -21.80 -3.56 -14.75
CA ASP A 271 -20.71 -2.68 -15.15
C ASP A 271 -19.44 -3.44 -15.49
N ALA A 272 -19.51 -4.76 -15.62
CA ALA A 272 -18.34 -5.53 -16.01
C ALA A 272 -17.96 -5.20 -17.45
N GLN A 273 -16.68 -5.39 -17.77
CA GLN A 273 -16.16 -5.09 -19.11
C GLN A 273 -15.49 -6.34 -19.67
N SER A 274 -16.02 -6.84 -20.79
CA SER A 274 -15.45 -8.00 -21.47
C SER A 274 -15.06 -7.58 -22.88
N ILE A 275 -13.77 -7.73 -23.21
CA ILE A 275 -13.23 -7.33 -24.50
C ILE A 275 -12.46 -8.50 -25.08
N LEU A 276 -12.57 -8.69 -26.39
CA LEU A 276 -11.79 -9.66 -27.15
C LEU A 276 -10.97 -8.94 -28.21
N VAL A 277 -9.71 -9.33 -28.34
CA VAL A 277 -8.81 -8.78 -29.35
C VAL A 277 -8.27 -9.95 -30.19
N SER A 278 -8.29 -9.80 -31.51
CA SER A 278 -7.79 -10.86 -32.38
C SER A 278 -7.37 -10.28 -33.71
N PRO A 279 -6.31 -10.81 -34.33
CA PRO A 279 -6.02 -10.47 -35.73
C PRO A 279 -6.86 -11.23 -36.74
N ASP A 280 -7.64 -12.21 -36.30
CA ASP A 280 -8.37 -13.12 -37.19
C ASP A 280 -9.78 -12.58 -37.37
N ALA A 281 -10.05 -11.99 -38.55
CA ALA A 281 -11.33 -11.33 -38.78
C ALA A 281 -12.47 -12.33 -38.86
N ALA A 282 -12.25 -13.47 -39.53
CA ALA A 282 -13.30 -14.48 -39.61
C ALA A 282 -13.63 -15.03 -38.22
N PHE A 283 -12.60 -15.22 -37.40
CA PHE A 283 -12.82 -15.70 -36.03
C PHE A 283 -13.70 -14.75 -35.24
N LEU A 284 -13.47 -13.44 -35.38
CA LEU A 284 -14.28 -12.47 -34.65
C LEU A 284 -15.74 -12.55 -35.08
N ASP A 285 -15.99 -12.75 -36.38
CA ASP A 285 -17.36 -12.95 -36.84
C ASP A 285 -17.98 -14.19 -36.19
N ARG A 286 -17.20 -15.26 -36.04
CA ARG A 286 -17.72 -16.47 -35.41
C ARG A 286 -18.04 -16.23 -33.94
N VAL A 287 -17.19 -15.47 -33.24
CA VAL A 287 -17.47 -15.15 -31.85
C VAL A 287 -18.71 -14.28 -31.73
N ALA A 288 -18.87 -13.32 -32.65
CA ALA A 288 -20.09 -12.52 -32.67
C ALA A 288 -21.32 -13.40 -32.86
N ASP A 289 -21.25 -14.37 -33.78
CA ASP A 289 -22.34 -15.31 -33.97
C ASP A 289 -22.58 -16.14 -32.70
N SER A 290 -21.50 -16.63 -32.10
CA SER A 290 -21.62 -17.42 -30.88
C SER A 290 -22.27 -16.62 -29.77
N ILE A 291 -21.91 -15.35 -29.64
CA ILE A 291 -22.52 -14.49 -28.62
C ILE A 291 -24.02 -14.37 -28.86
N ALA A 292 -24.40 -14.08 -30.12
CA ALA A 292 -25.81 -13.89 -30.44
C ALA A 292 -26.63 -15.16 -30.16
N ARG A 293 -26.04 -16.32 -30.43
CA ARG A 293 -26.76 -17.58 -30.23
C ARG A 293 -26.80 -17.98 -28.77
N LEU A 294 -25.71 -17.77 -28.04
CA LEU A 294 -25.62 -18.29 -26.68
C LEU A 294 -26.26 -17.36 -25.65
N LEU A 295 -26.33 -16.06 -25.94
CA LEU A 295 -26.81 -15.09 -24.95
C LEU A 295 -28.21 -15.41 -24.41
N PRO A 296 -29.23 -15.65 -25.24
CA PRO A 296 -30.56 -15.91 -24.67
C PRO A 296 -30.67 -17.22 -23.90
N THR A 297 -29.67 -18.10 -23.97
CA THR A 297 -29.69 -19.34 -23.20
C THR A 297 -29.13 -19.18 -21.79
N MET A 298 -28.59 -18.02 -21.44
CA MET A 298 -27.88 -17.87 -20.19
C MET A 298 -28.81 -17.43 -19.07
N GLU A 299 -28.64 -18.03 -17.90
CA GLU A 299 -29.46 -17.69 -16.74
C GLU A 299 -29.35 -16.20 -16.42
N ARG A 300 -28.15 -15.64 -16.53
CA ARG A 300 -27.91 -14.22 -16.25
C ARG A 300 -27.81 -13.40 -17.53
N ALA A 301 -28.64 -13.73 -18.53
CA ALA A 301 -28.55 -13.08 -19.83
C ALA A 301 -28.78 -11.57 -19.74
N GLU A 302 -29.69 -11.14 -18.86
CA GLU A 302 -29.97 -9.71 -18.76
C GLU A 302 -28.75 -8.95 -18.23
N ILE A 303 -28.06 -9.48 -17.23
CA ILE A 303 -26.84 -8.84 -16.75
C ILE A 303 -25.75 -8.90 -17.82
N ILE A 304 -25.58 -10.05 -18.46
CA ILE A 304 -24.56 -10.17 -19.51
C ILE A 304 -24.82 -9.17 -20.62
N ARG A 305 -26.07 -9.08 -21.07
CA ARG A 305 -26.40 -8.21 -22.19
C ARG A 305 -26.13 -6.75 -21.83
N THR A 306 -26.49 -6.34 -20.61
CA THR A 306 -26.26 -4.97 -20.19
C THR A 306 -24.77 -4.67 -20.14
N SER A 307 -23.98 -5.58 -19.58
CA SER A 307 -22.53 -5.40 -19.51
C SER A 307 -21.92 -5.31 -20.90
N LEU A 308 -22.28 -6.24 -21.79
CA LEU A 308 -21.72 -6.23 -23.14
C LEU A 308 -22.16 -4.97 -23.90
N GLU A 309 -23.44 -4.61 -23.79
CA GLU A 309 -23.94 -3.41 -24.46
C GLU A 309 -23.19 -2.17 -23.99
N GLY A 310 -22.95 -2.06 -22.68
CA GLY A 310 -22.32 -0.87 -22.15
C GLY A 310 -20.81 -0.83 -22.29
N ARG A 311 -20.14 -1.97 -22.12
CA ARG A 311 -18.69 -1.96 -22.01
C ARG A 311 -17.98 -3.06 -22.81
N GLY A 312 -18.71 -3.93 -23.54
CA GLY A 312 -18.07 -5.00 -24.26
C GLY A 312 -17.69 -4.62 -25.68
N ALA A 313 -16.76 -5.40 -26.26
CA ALA A 313 -16.35 -5.15 -27.64
C ALA A 313 -15.50 -6.30 -28.15
N LEU A 314 -15.59 -6.53 -29.46
CA LEU A 314 -14.62 -7.35 -30.20
C LEU A 314 -13.79 -6.40 -31.05
N ILE A 315 -12.46 -6.52 -30.95
CA ILE A 315 -11.53 -5.58 -31.57
C ILE A 315 -10.67 -6.33 -32.57
N GLN A 316 -10.75 -5.92 -33.83
CA GLN A 316 -9.85 -6.43 -34.86
C GLN A 316 -8.54 -5.66 -34.84
N VAL A 317 -7.43 -6.39 -34.95
CA VAL A 317 -6.11 -5.80 -35.08
C VAL A 317 -5.40 -6.44 -36.26
N ALA A 318 -4.24 -5.88 -36.62
CA ALA A 318 -3.55 -6.32 -37.82
C ALA A 318 -2.78 -7.63 -37.59
N ASP A 319 -2.11 -7.75 -36.44
CA ASP A 319 -1.21 -8.87 -36.22
C ASP A 319 -0.98 -9.04 -34.72
N GLN A 320 -0.10 -9.98 -34.37
CA GLN A 320 0.19 -10.26 -32.97
C GLN A 320 0.78 -9.03 -32.28
N ALA A 321 1.65 -8.29 -32.97
CA ALA A 321 2.27 -7.13 -32.36
C ALA A 321 1.24 -6.06 -32.01
N GLN A 322 0.28 -5.80 -32.91
CA GLN A 322 -0.74 -4.81 -32.61
C GLN A 322 -1.74 -5.32 -31.58
N ALA A 323 -2.01 -6.63 -31.57
CA ALA A 323 -2.87 -7.19 -30.52
C ALA A 323 -2.28 -6.91 -29.15
N CYS A 324 -0.97 -7.05 -29.00
CA CYS A 324 -0.33 -6.83 -27.71
C CYS A 324 -0.26 -5.34 -27.38
N ALA A 325 -0.05 -4.49 -28.38
CA ALA A 325 -0.06 -3.05 -28.13
C ALA A 325 -1.40 -2.58 -27.62
N VAL A 326 -2.50 -3.07 -28.24
CA VAL A 326 -3.83 -2.72 -27.76
C VAL A 326 -4.05 -3.28 -26.37
N ALA A 327 -3.63 -4.53 -26.15
CA ALA A 327 -3.77 -5.14 -24.83
C ALA A 327 -3.01 -4.34 -23.76
N ASN A 328 -1.78 -3.93 -24.08
CA ASN A 328 -1.00 -3.16 -23.12
C ASN A 328 -1.65 -1.82 -22.81
N ARG A 329 -2.28 -1.20 -23.82
CA ARG A 329 -2.98 0.06 -23.59
C ARG A 329 -4.21 -0.15 -22.74
N ILE A 330 -4.94 -1.25 -22.95
CA ILE A 330 -6.11 -1.55 -22.14
C ILE A 330 -5.72 -1.77 -20.69
N ALA A 331 -4.55 -2.38 -20.48
CA ALA A 331 -4.05 -2.68 -19.14
C ALA A 331 -5.08 -3.49 -18.33
N PRO A 332 -5.41 -4.69 -18.76
CA PRO A 332 -6.51 -5.43 -18.16
C PRO A 332 -6.16 -5.99 -16.79
N GLU A 333 -7.16 -5.98 -15.90
CA GLU A 333 -6.96 -6.62 -14.60
C GLU A 333 -6.91 -8.14 -14.73
N HIS A 334 -7.64 -8.72 -15.69
CA HIS A 334 -7.48 -10.12 -16.06
C HIS A 334 -7.21 -10.20 -17.55
N LEU A 335 -6.20 -10.99 -17.93
CA LEU A 335 -5.82 -11.18 -19.32
C LEU A 335 -5.86 -12.67 -19.64
N GLU A 336 -6.58 -13.05 -20.69
CA GLU A 336 -6.65 -14.42 -21.14
C GLU A 336 -5.92 -14.50 -22.48
N LEU A 337 -4.75 -15.14 -22.47
CA LEU A 337 -3.93 -15.24 -23.68
C LEU A 337 -4.25 -16.57 -24.37
N SER A 338 -5.37 -16.57 -25.09
CA SER A 338 -5.86 -17.76 -25.79
C SER A 338 -5.16 -17.89 -27.15
N VAL A 339 -3.88 -18.24 -27.08
CA VAL A 339 -3.01 -18.29 -28.26
C VAL A 339 -2.13 -19.53 -28.17
N ALA A 340 -1.43 -19.82 -29.27
CA ALA A 340 -0.65 -21.05 -29.37
C ALA A 340 0.56 -21.04 -28.44
N ASP A 341 1.30 -19.94 -28.42
CA ASP A 341 2.51 -19.76 -27.60
C ASP A 341 2.35 -18.54 -26.71
N PRO A 342 1.58 -18.65 -25.63
CA PRO A 342 1.29 -17.46 -24.80
C PRO A 342 2.53 -16.82 -24.20
N GLU A 343 3.56 -17.59 -23.87
CA GLU A 343 4.78 -16.98 -23.32
C GLU A 343 5.52 -16.12 -24.34
N SER A 344 5.19 -16.23 -25.63
CA SER A 344 5.73 -15.31 -26.62
C SER A 344 4.98 -13.99 -26.67
N TRP A 345 3.72 -13.96 -26.22
CA TRP A 345 2.91 -12.75 -26.27
C TRP A 345 3.07 -11.90 -25.02
N LEU A 346 3.21 -12.53 -23.86
CA LEU A 346 3.23 -11.81 -22.59
C LEU A 346 4.28 -10.70 -22.51
N PRO A 347 5.52 -10.85 -23.02
CA PRO A 347 6.49 -9.77 -22.89
C PRO A 347 6.00 -8.42 -23.42
N GLU A 348 5.12 -8.43 -24.41
CA GLU A 348 4.59 -7.19 -24.98
C GLU A 348 3.34 -6.69 -24.26
N ILE A 349 2.91 -7.35 -23.20
CA ILE A 349 1.74 -6.93 -22.44
C ILE A 349 2.09 -6.86 -20.96
N ARG A 350 2.98 -5.93 -20.60
CA ARG A 350 3.45 -5.87 -19.22
C ARG A 350 2.48 -5.20 -18.27
N HIS A 351 1.41 -4.57 -18.77
CA HIS A 351 0.48 -3.83 -17.93
C HIS A 351 -0.76 -4.63 -17.56
N ALA A 352 -0.74 -5.94 -17.74
CA ALA A 352 -1.88 -6.79 -17.42
C ALA A 352 -1.78 -7.32 -15.99
N GLY A 353 -2.93 -7.53 -15.36
CA GLY A 353 -2.97 -8.10 -14.02
C GLY A 353 -2.76 -9.59 -13.99
N ALA A 354 -3.77 -10.34 -13.57
CA ALA A 354 -3.69 -11.80 -13.56
C ALA A 354 -3.77 -12.33 -14.98
N ILE A 355 -2.94 -13.33 -15.29
CA ILE A 355 -2.81 -13.84 -16.65
C ILE A 355 -3.25 -15.30 -16.68
N PHE A 356 -4.06 -15.63 -17.69
CA PHE A 356 -4.54 -16.98 -17.93
C PHE A 356 -4.07 -17.37 -19.33
N MET A 357 -3.25 -18.42 -19.40
CA MET A 357 -2.47 -18.71 -20.60
C MET A 357 -2.97 -19.95 -21.31
N GLY A 358 -3.02 -19.85 -22.64
CA GLY A 358 -3.37 -20.99 -23.47
C GLY A 358 -4.86 -21.13 -23.68
N ARG A 359 -5.21 -22.12 -24.49
CA ARG A 359 -6.60 -22.34 -24.88
C ARG A 359 -7.42 -23.02 -23.80
N TYR A 360 -6.77 -23.67 -22.84
CA TYR A 360 -7.46 -24.49 -21.85
C TYR A 360 -7.69 -23.77 -20.53
N THR A 361 -7.23 -22.54 -20.40
CA THR A 361 -7.30 -21.83 -19.13
C THR A 361 -8.29 -20.68 -19.26
N ALA A 362 -9.49 -20.88 -18.72
CA ALA A 362 -10.50 -19.85 -18.68
C ALA A 362 -10.34 -19.03 -17.41
N GLU A 363 -10.67 -17.74 -17.50
CA GLU A 363 -10.53 -16.85 -16.37
C GLU A 363 -11.45 -17.24 -15.22
N ALA A 364 -12.48 -18.03 -15.51
CA ALA A 364 -13.36 -18.50 -14.46
C ALA A 364 -12.62 -19.39 -13.48
N LEU A 365 -11.53 -20.03 -13.92
CA LEU A 365 -10.70 -20.81 -13.02
C LEU A 365 -10.03 -19.93 -11.95
N GLY A 366 -9.78 -18.66 -12.28
CA GLY A 366 -9.20 -17.76 -11.29
C GLY A 366 -10.18 -17.40 -10.19
N ASP A 367 -11.46 -17.24 -10.54
CA ASP A 367 -12.47 -16.90 -9.54
C ASP A 367 -12.78 -18.07 -8.64
N TYR A 368 -12.65 -19.30 -9.15
CA TYR A 368 -12.94 -20.48 -8.35
C TYR A 368 -11.67 -21.31 -8.17
N CYS A 369 -10.59 -20.66 -7.73
CA CYS A 369 -9.32 -21.34 -7.54
C CYS A 369 -9.46 -22.48 -6.53
N ALA A 370 -8.79 -23.59 -6.82
CA ALA A 370 -8.83 -24.77 -5.97
C ALA A 370 -7.77 -24.74 -4.88
N GLY A 371 -7.04 -23.64 -4.73
CA GLY A 371 -5.99 -23.53 -3.74
C GLY A 371 -4.65 -23.97 -4.30
N PRO A 372 -3.56 -23.41 -3.74
CA PRO A 372 -2.20 -23.78 -4.16
C PRO A 372 -1.76 -25.14 -3.61
N GLY A 389 -1.04 -11.63 1.68
CA GLY A 389 -0.83 -12.82 2.49
C GLY A 389 -0.76 -12.54 3.97
N VAL A 390 -0.08 -13.43 4.71
CA VAL A 390 0.04 -13.30 6.16
C VAL A 390 0.66 -11.95 6.52
N TYR A 391 1.66 -11.52 5.75
CA TYR A 391 2.34 -10.26 6.03
C TYR A 391 1.35 -9.10 6.12
N ASP A 392 0.31 -9.12 5.28
CA ASP A 392 -0.66 -8.04 5.25
C ASP A 392 -1.49 -7.94 6.52
N PHE A 393 -1.43 -8.94 7.40
CA PHE A 393 -2.18 -8.93 8.65
C PHE A 393 -1.28 -8.86 9.87
N GLN A 394 -0.06 -8.38 9.70
CA GLN A 394 0.88 -8.21 10.79
C GLN A 394 1.33 -6.75 10.84
N LYS A 395 1.62 -6.28 12.05
CA LYS A 395 2.29 -5.00 12.24
C LYS A 395 3.75 -5.27 12.61
N ARG A 396 4.65 -4.42 12.13
CA ARG A 396 6.07 -4.63 12.32
C ARG A 396 6.71 -3.39 12.93
N SER A 397 7.59 -3.60 13.89
CA SER A 397 8.43 -2.55 14.47
C SER A 397 9.88 -2.92 14.15
N SER A 398 10.54 -2.10 13.34
CA SER A 398 11.95 -2.32 13.06
C SER A 398 12.76 -1.98 14.30
N ILE A 399 13.78 -2.80 14.57
CA ILE A 399 14.56 -2.68 15.80
C ILE A 399 16.03 -2.60 15.43
N ILE A 400 16.72 -1.62 16.00
CA ILE A 400 18.17 -1.51 15.89
C ILE A 400 18.73 -1.30 17.30
N ASN A 401 19.64 -2.18 17.72
CA ASN A 401 20.19 -2.17 19.06
C ASN A 401 21.70 -2.24 18.87
N CYS A 402 22.32 -1.08 18.69
CA CYS A 402 23.76 -1.03 18.40
C CYS A 402 24.58 -1.43 19.61
N SER A 403 25.63 -2.19 19.36
CA SER A 403 26.74 -2.25 20.30
C SER A 403 27.54 -0.95 20.20
N ALA A 404 28.49 -0.79 21.12
CA ALA A 404 29.35 0.40 21.06
C ALA A 404 30.13 0.46 19.76
N GLU A 405 30.62 -0.71 19.30
CA GLU A 405 31.36 -0.75 18.04
C GLU A 405 30.44 -0.50 16.84
N GLY A 406 29.23 -1.08 16.86
CA GLY A 406 28.31 -0.86 15.76
C GLY A 406 27.85 0.58 15.66
N ALA A 407 27.62 1.23 16.80
CA ALA A 407 27.26 2.64 16.79
C ALA A 407 28.40 3.51 16.28
N SER A 408 29.64 3.06 16.44
CA SER A 408 30.77 3.80 15.89
C SER A 408 30.83 3.70 14.38
N VAL A 409 30.59 2.51 13.85
CA VAL A 409 30.56 2.32 12.39
C VAL A 409 29.47 3.19 11.77
N LEU A 410 28.25 3.06 12.29
CA LEU A 410 27.15 3.85 11.76
C LEU A 410 27.33 5.33 12.06
N GLY A 411 27.89 5.66 13.22
CA GLY A 411 28.01 7.06 13.60
C GLY A 411 28.99 7.83 12.76
N ARG A 412 30.05 7.17 12.29
CA ARG A 412 31.03 7.86 11.46
C ARG A 412 30.42 8.29 10.13
N THR A 413 29.57 7.44 9.55
CA THR A 413 28.88 7.82 8.32
C THR A 413 27.85 8.91 8.58
N ALA A 414 27.05 8.75 9.63
CA ALA A 414 26.00 9.72 9.93
C ALA A 414 26.59 11.09 10.28
N SER A 415 27.72 11.09 11.01
CA SER A 415 28.31 12.34 11.45
C SER A 415 28.74 13.21 10.28
N VAL A 416 29.36 12.60 9.26
CA VAL A 416 29.86 13.37 8.12
C VAL A 416 28.70 13.94 7.32
N LEU A 417 27.68 13.11 7.06
CA LEU A 417 26.55 13.57 6.26
C LEU A 417 25.74 14.63 6.99
N ALA A 418 25.48 14.42 8.28
CA ALA A 418 24.71 15.38 9.05
C ALA A 418 25.41 16.74 9.13
N ARG A 419 26.73 16.73 9.36
CA ARG A 419 27.46 17.99 9.41
C ARG A 419 27.51 18.66 8.05
N GLY A 420 27.44 17.87 6.97
CA GLY A 420 27.38 18.46 5.64
C GLY A 420 26.11 19.23 5.38
N GLU A 421 25.02 18.95 6.11
CA GLU A 421 23.79 19.69 5.99
C GLU A 421 23.54 20.60 7.19
N SER A 422 24.55 20.83 8.02
CA SER A 422 24.43 21.65 9.23
C SER A 422 23.40 21.13 10.21
N LEU A 423 23.08 19.83 10.16
CA LEU A 423 22.24 19.20 11.17
C LEU A 423 23.14 18.69 12.29
N THR A 424 23.64 19.65 13.08
CA THR A 424 24.69 19.35 14.05
C THR A 424 24.18 18.60 15.27
N ALA A 425 22.89 18.69 15.59
CA ALA A 425 22.37 17.87 16.69
C ALA A 425 22.32 16.40 16.28
N HIS A 426 21.95 16.12 15.03
CA HIS A 426 22.08 14.77 14.50
C HIS A 426 23.52 14.27 14.63
N ALA A 427 24.47 15.10 14.20
CA ALA A 427 25.87 14.69 14.18
C ALA A 427 26.40 14.45 15.59
N ARG A 428 26.19 15.42 16.49
CA ARG A 428 26.67 15.27 17.86
C ARG A 428 26.00 14.12 18.59
N SER A 429 24.72 13.87 18.29
CA SER A 429 24.04 12.73 18.90
C SER A 429 24.71 11.42 18.47
N ALA A 430 25.10 11.32 17.19
CA ALA A 430 25.82 10.14 16.74
C ALA A 430 27.25 10.12 17.25
N GLU A 431 27.89 11.30 17.33
CA GLU A 431 29.30 11.35 17.72
C GLU A 431 29.52 11.00 19.19
N TYR A 432 28.50 11.13 20.04
CA TYR A 432 28.64 10.71 21.43
C TYR A 432 28.98 9.23 21.52
N ARG A 433 28.57 8.43 20.55
CA ARG A 433 28.72 6.99 20.58
C ARG A 433 29.90 6.48 19.77
N ILE A 434 30.63 7.37 19.10
CA ILE A 434 31.78 6.95 18.30
C ILE A 434 32.98 6.73 19.21
N LEU A 435 33.62 5.58 19.08
CA LEU A 435 34.85 5.28 19.79
C LEU A 435 36.05 5.68 18.96
N ASP A 436 37.08 6.19 19.62
CA ASP A 436 38.32 6.51 18.93
C ASP A 436 39.06 5.24 18.53
N GLU A 437 39.78 5.31 17.42
CA GLU A 437 40.66 4.23 17.01
C GLU A 437 41.95 4.29 17.82
N LYS A 438 42.25 3.21 18.55
CA LYS A 438 43.48 3.10 19.32
C LYS A 438 43.74 4.30 20.23
N ALA B 3 19.17 34.10 30.65
CA ALA B 3 17.87 33.45 30.76
C ALA B 3 17.92 32.06 30.14
N PRO B 4 18.35 31.06 30.93
CA PRO B 4 18.48 29.71 30.38
C PRO B 4 17.12 29.12 30.00
N PHE B 5 17.15 28.27 28.98
CA PHE B 5 15.92 27.65 28.49
C PHE B 5 15.40 26.66 29.52
N ALA B 6 14.11 26.75 29.83
CA ALA B 6 13.44 25.88 30.80
C ALA B 6 12.51 24.95 30.02
N ILE B 7 12.95 23.71 29.84
CA ILE B 7 12.14 22.74 29.11
C ILE B 7 10.82 22.49 29.85
N ARG B 8 9.75 22.32 29.09
CA ARG B 8 8.45 22.02 29.66
C ARG B 8 8.50 20.71 30.45
N ARG B 9 7.90 20.73 31.65
CA ARG B 9 7.91 19.60 32.55
C ARG B 9 6.50 19.10 32.78
N LEU B 10 6.32 17.78 32.71
CA LEU B 10 5.04 17.13 32.99
C LEU B 10 5.25 16.03 34.01
N ASN B 11 4.22 15.79 34.82
CA ASN B 11 4.24 14.73 35.83
C ASN B 11 2.95 13.94 35.73
N ALA B 12 3.06 12.63 35.50
CA ALA B 12 1.88 11.77 35.40
C ALA B 12 1.10 11.70 36.70
N ALA B 13 1.69 12.12 37.82
CA ALA B 13 0.96 12.16 39.08
C ALA B 13 0.02 13.35 39.18
N ASP B 14 0.24 14.39 38.37
CA ASP B 14 -0.63 15.55 38.41
C ASP B 14 -2.03 15.17 37.94
N PRO B 15 -3.09 15.62 38.62
CA PRO B 15 -4.45 15.27 38.19
C PRO B 15 -4.81 15.82 36.82
N ASP B 16 -4.16 16.89 36.37
CA ASP B 16 -4.40 17.46 35.05
C ASP B 16 -3.44 16.95 33.99
N PHE B 17 -2.75 15.83 34.26
CA PHE B 17 -1.72 15.35 33.34
C PHE B 17 -2.33 14.89 32.02
N GLY B 18 -3.38 14.07 32.07
CA GLY B 18 -3.96 13.55 30.85
C GLY B 18 -4.46 14.65 29.92
N ARG B 19 -5.10 15.67 30.49
CA ARG B 19 -5.54 16.82 29.70
C ARG B 19 -4.34 17.61 29.16
N HIS B 20 -3.30 17.82 29.96
CA HIS B 20 -2.16 18.60 29.49
C HIS B 20 -1.37 17.84 28.44
N LEU B 21 -1.24 16.53 28.60
CA LEU B 21 -0.60 15.71 27.56
C LEU B 21 -1.46 15.67 26.30
N ASP B 22 -2.78 15.55 26.46
CA ASP B 22 -3.69 15.60 25.31
C ASP B 22 -3.45 16.84 24.48
N HIS B 23 -3.41 18.01 25.13
CA HIS B 23 -3.20 19.26 24.41
C HIS B 23 -1.82 19.31 23.75
N LEU B 24 -0.80 18.75 24.41
CA LEU B 24 0.54 18.76 23.84
C LEU B 24 0.59 17.98 22.53
N LEU B 25 -0.12 16.85 22.48
CA LEU B 25 -0.01 15.95 21.34
C LEU B 25 -0.92 16.35 20.17
N SER B 26 -1.91 17.20 20.39
CA SER B 26 -2.97 17.40 19.42
C SER B 26 -3.06 18.81 18.84
N TRP B 27 -2.55 19.83 19.53
CA TRP B 27 -2.74 21.19 19.05
C TRP B 27 -2.09 21.40 17.69
N GLU B 28 -2.69 22.30 16.92
CA GLU B 28 -2.20 22.66 15.60
C GLU B 28 -2.44 24.15 15.37
N SER B 29 -1.44 24.83 14.81
CA SER B 29 -1.62 26.23 14.41
C SER B 29 -2.50 26.32 13.17
N VAL B 30 -2.12 25.61 12.11
CA VAL B 30 -2.96 25.47 10.93
C VAL B 30 -3.82 24.23 11.12
N SER B 31 -5.13 24.42 11.10
CA SER B 31 -6.05 23.32 11.36
C SER B 31 -6.05 22.32 10.22
N ASP B 32 -6.46 21.10 10.52
CA ASP B 32 -6.86 20.16 9.49
C ASP B 32 -8.01 20.75 8.70
N ASP B 33 -8.29 20.16 7.53
CA ASP B 33 -9.30 20.66 6.61
C ASP B 33 -8.89 22.02 6.04
N SER B 34 -8.15 22.82 6.82
CA SER B 34 -7.57 24.04 6.28
C SER B 34 -6.44 23.72 5.31
N VAL B 35 -5.44 22.97 5.78
CA VAL B 35 -4.41 22.46 4.88
C VAL B 35 -5.03 21.52 3.86
N ASN B 36 -6.03 20.73 4.29
CA ASN B 36 -6.65 19.74 3.41
C ASN B 36 -7.43 20.40 2.28
N GLN B 37 -8.25 21.41 2.60
CA GLN B 37 -8.86 22.22 1.55
C GLN B 37 -7.80 22.86 0.67
N ARG B 38 -6.76 23.42 1.29
CA ARG B 38 -5.66 24.04 0.55
C ARG B 38 -5.01 23.04 -0.40
N VAL B 39 -4.76 21.82 0.09
CA VAL B 39 -4.17 20.80 -0.76
C VAL B 39 -5.11 20.43 -1.90
N LEU B 40 -6.41 20.26 -1.59
CA LEU B 40 -7.37 19.91 -2.63
C LEU B 40 -7.43 20.96 -3.72
N ASP B 41 -7.32 22.24 -3.34
CA ASP B 41 -7.33 23.31 -4.34
C ASP B 41 -6.09 23.27 -5.22
N ILE B 42 -4.93 22.93 -4.63
CA ILE B 42 -3.70 22.80 -5.42
C ILE B 42 -3.82 21.67 -6.43
N ILE B 43 -4.31 20.51 -5.98
CA ILE B 43 -4.37 19.35 -6.87
C ILE B 43 -5.28 19.63 -8.06
N ALA B 44 -6.49 20.12 -7.80
CA ALA B 44 -7.41 20.43 -8.89
C ALA B 44 -6.82 21.48 -9.83
N ALA B 45 -6.07 22.43 -9.28
CA ALA B 45 -5.47 23.46 -10.12
C ALA B 45 -4.38 22.89 -11.02
N VAL B 46 -3.58 21.95 -10.50
CA VAL B 46 -2.54 21.32 -11.32
C VAL B 46 -3.17 20.40 -12.36
N ARG B 47 -4.27 19.71 -12.01
CA ARG B 47 -4.95 18.87 -12.97
C ARG B 47 -5.55 19.68 -14.11
N SER B 48 -5.94 20.93 -13.85
CA SER B 48 -6.59 21.76 -14.85
C SER B 48 -5.61 22.56 -15.69
N ARG B 49 -4.67 23.24 -15.05
CA ARG B 49 -3.77 24.17 -15.73
C ARG B 49 -2.37 23.63 -15.92
N GLY B 50 -2.05 22.46 -15.38
CA GLY B 50 -0.80 21.77 -15.71
C GLY B 50 0.43 22.56 -15.30
N ASP B 51 1.35 22.72 -16.26
CA ASP B 51 2.61 23.42 -16.01
C ASP B 51 2.37 24.79 -15.40
N ALA B 52 1.39 25.53 -15.90
CA ALA B 52 1.17 26.90 -15.46
C ALA B 52 0.90 26.95 -13.95
N ALA B 53 0.06 26.05 -13.45
CA ALA B 53 -0.23 26.04 -12.02
C ALA B 53 0.99 25.65 -11.21
N VAL B 54 1.80 24.72 -11.72
CA VAL B 54 3.00 24.30 -11.01
C VAL B 54 3.97 25.47 -10.87
N VAL B 55 4.15 26.24 -11.94
CA VAL B 55 5.03 27.40 -11.89
C VAL B 55 4.48 28.45 -10.94
N GLU B 56 3.18 28.73 -11.02
CA GLU B 56 2.57 29.76 -10.18
C GLU B 56 2.71 29.41 -8.71
N PHE B 57 2.39 28.18 -8.33
CA PHE B 57 2.49 27.79 -6.94
C PHE B 57 3.93 27.71 -6.46
N THR B 58 4.85 27.28 -7.34
CA THR B 58 6.27 27.26 -6.98
C THR B 58 6.77 28.66 -6.68
N GLN B 59 6.37 29.64 -7.48
CA GLN B 59 6.77 31.02 -7.24
C GLN B 59 6.24 31.51 -5.89
N ARG B 60 4.97 31.23 -5.59
CA ARG B 60 4.36 31.72 -4.37
C ARG B 60 4.93 31.04 -3.14
N PHE B 61 4.96 29.69 -3.14
CA PHE B 61 5.28 28.95 -1.92
C PHE B 61 6.78 28.73 -1.72
N ASP B 62 7.56 28.67 -2.81
CA ASP B 62 9.00 28.49 -2.67
C ASP B 62 9.79 29.77 -2.87
N GLY B 63 9.13 30.87 -3.23
CA GLY B 63 9.85 32.12 -3.46
C GLY B 63 10.85 32.04 -4.60
N LEU B 64 10.47 31.42 -5.70
CA LEU B 64 11.37 31.19 -6.81
C LEU B 64 11.01 32.06 -8.00
N GLN B 65 12.03 32.44 -8.74
CA GLN B 65 11.86 33.21 -9.95
C GLN B 65 12.05 32.29 -11.14
N ALA B 66 10.93 31.93 -11.76
CA ALA B 66 10.97 30.99 -12.88
C ALA B 66 9.89 31.41 -13.86
N ALA B 67 10.30 31.86 -15.05
CA ALA B 67 9.31 32.27 -16.04
C ALA B 67 8.47 31.11 -16.52
N SER B 68 9.08 29.93 -16.70
CA SER B 68 8.40 28.79 -17.27
C SER B 68 8.84 27.52 -16.54
N MET B 69 8.18 26.41 -16.88
CA MET B 69 8.53 25.12 -16.32
C MET B 69 9.93 24.67 -16.71
N ALA B 70 10.49 25.20 -17.80
CA ALA B 70 11.83 24.83 -18.21
C ALA B 70 12.88 25.29 -17.21
N ASP B 71 12.61 26.38 -16.49
CA ASP B 71 13.51 26.85 -15.45
C ASP B 71 13.46 26.00 -14.19
N LEU B 72 12.47 25.13 -14.07
CA LEU B 72 12.32 24.28 -12.90
C LEU B 72 12.85 22.86 -13.12
N ILE B 73 13.51 22.62 -14.26
CA ILE B 73 14.06 21.32 -14.59
C ILE B 73 15.57 21.36 -14.34
N LEU B 74 16.05 20.45 -13.50
CA LEU B 74 17.49 20.32 -13.26
C LEU B 74 18.04 19.22 -14.16
N PRO B 75 18.94 19.54 -15.09
CA PRO B 75 19.55 18.48 -15.91
C PRO B 75 20.44 17.57 -15.06
N ARG B 76 20.70 16.38 -15.60
CA ARG B 76 21.50 15.41 -14.87
C ARG B 76 22.95 15.86 -14.72
N GLU B 77 23.43 16.73 -15.60
CA GLU B 77 24.76 17.30 -15.44
C GLU B 77 24.86 18.06 -14.12
N ARG B 78 23.74 18.66 -13.67
CA ARG B 78 23.75 19.38 -12.40
C ARG B 78 23.90 18.42 -11.22
N LEU B 79 23.42 17.19 -11.34
CA LEU B 79 23.65 16.19 -10.30
C LEU B 79 25.12 15.79 -10.25
N GLU B 80 25.75 15.62 -11.41
CA GLU B 80 27.18 15.33 -11.43
C GLU B 80 27.99 16.48 -10.85
N LEU B 81 27.57 17.72 -11.12
CA LEU B 81 28.27 18.88 -10.59
C LEU B 81 28.16 18.93 -9.06
N ALA B 82 27.00 18.54 -8.52
CA ALA B 82 26.86 18.46 -7.07
C ALA B 82 27.83 17.44 -6.49
N LEU B 83 28.00 16.31 -7.17
CA LEU B 83 28.91 15.28 -6.67
C LEU B 83 30.35 15.77 -6.59
N THR B 84 30.74 16.68 -7.48
CA THR B 84 32.09 17.23 -7.42
C THR B 84 32.23 18.37 -6.42
N ARG B 85 31.12 19.01 -6.03
CA ARG B 85 31.20 20.17 -5.15
C ARG B 85 31.36 19.78 -3.68
N ILE B 86 30.80 18.64 -3.27
CA ILE B 86 30.91 18.24 -1.88
C ILE B 86 32.33 17.79 -1.57
N THR B 87 32.65 17.71 -0.29
CA THR B 87 33.99 17.31 0.12
C THR B 87 34.22 15.83 -0.17
N VAL B 88 35.49 15.43 -0.15
CA VAL B 88 35.82 14.02 -0.37
C VAL B 88 35.22 13.15 0.72
N ALA B 89 35.28 13.61 1.97
CA ALA B 89 34.71 12.85 3.08
C ALA B 89 33.20 12.71 2.95
N GLN B 90 32.52 13.73 2.43
CA GLN B 90 31.08 13.64 2.25
C GLN B 90 30.74 12.71 1.09
N ARG B 91 31.50 12.78 -0.01
CA ARG B 91 31.27 11.89 -1.13
C ARG B 91 31.47 10.43 -0.73
N GLU B 92 32.55 10.15 0.00
CA GLU B 92 32.83 8.77 0.40
C GLU B 92 31.77 8.26 1.38
N ALA B 93 31.30 9.13 2.28
CA ALA B 93 30.23 8.73 3.19
C ALA B 93 28.96 8.38 2.42
N LEU B 94 28.62 9.18 1.40
CA LEU B 94 27.48 8.86 0.56
C LEU B 94 27.68 7.52 -0.16
N GLU B 95 28.88 7.30 -0.68
CA GLU B 95 29.16 6.06 -1.41
C GLU B 95 29.14 4.85 -0.48
N VAL B 96 29.62 5.02 0.76
CA VAL B 96 29.54 3.94 1.75
C VAL B 96 28.09 3.62 2.06
N ALA B 97 27.27 4.65 2.28
CA ALA B 97 25.85 4.43 2.54
C ALA B 97 25.19 3.75 1.36
N ALA B 98 25.54 4.17 0.14
CA ALA B 98 24.92 3.59 -1.05
C ALA B 98 25.31 2.13 -1.24
N GLU B 99 26.56 1.77 -0.92
CA GLU B 99 26.98 0.37 -1.05
C GLU B 99 26.18 -0.52 -0.12
N ARG B 100 25.98 -0.08 1.13
CA ARG B 100 25.23 -0.88 2.09
C ARG B 100 23.78 -1.03 1.65
N VAL B 101 23.20 0.02 1.08
CA VAL B 101 21.83 -0.05 0.57
C VAL B 101 21.77 -0.91 -0.69
N ARG B 102 22.70 -0.68 -1.62
CA ARG B 102 22.65 -1.38 -2.90
C ARG B 102 22.88 -2.87 -2.74
N SER B 103 23.84 -3.27 -1.91
CA SER B 103 24.11 -4.69 -1.73
C SER B 103 22.93 -5.40 -1.08
N TYR B 104 22.25 -4.72 -0.16
CA TYR B 104 21.09 -5.30 0.52
C TYR B 104 19.96 -5.56 -0.47
N HIS B 105 19.62 -4.56 -1.28
CA HIS B 105 18.50 -4.70 -2.19
C HIS B 105 18.80 -5.69 -3.33
N GLU B 106 20.07 -5.79 -3.73
CA GLU B 106 20.45 -6.82 -4.70
C GLU B 106 20.13 -8.22 -4.19
N LYS B 107 20.43 -8.49 -2.92
CA LYS B 107 20.16 -9.82 -2.38
C LYS B 107 18.66 -10.09 -2.28
N GLN B 108 17.86 -9.05 -2.06
CA GLN B 108 16.42 -9.23 -1.86
C GLN B 108 15.66 -9.32 -3.17
N LYS B 109 16.25 -8.91 -4.29
CA LYS B 109 15.53 -8.85 -5.55
C LYS B 109 15.14 -10.25 -6.00
N GLN B 110 13.85 -10.43 -6.29
CA GLN B 110 13.34 -11.66 -6.88
C GLN B 110 12.64 -11.34 -8.19
N GLY B 111 12.68 -12.28 -9.12
CA GLY B 111 12.15 -12.06 -10.44
C GLY B 111 11.10 -13.08 -10.83
N SER B 112 10.82 -13.17 -12.13
CA SER B 112 9.79 -14.08 -12.61
C SER B 112 10.18 -15.53 -12.39
N TRP B 113 9.18 -16.39 -12.29
CA TRP B 113 9.41 -17.82 -12.12
C TRP B 113 8.26 -18.59 -12.73
N ARG B 114 8.52 -19.86 -13.04
CA ARG B 114 7.51 -20.78 -13.52
C ARG B 114 7.71 -22.11 -12.82
N TYR B 115 6.60 -22.80 -12.52
CA TYR B 115 6.66 -24.10 -11.89
C TYR B 115 5.65 -25.02 -12.57
N THR B 116 6.12 -26.21 -12.96
CA THR B 116 5.29 -27.17 -13.67
C THR B 116 4.74 -28.20 -12.69
N GLU B 117 3.42 -28.26 -12.57
CA GLU B 117 2.78 -29.25 -11.72
C GLU B 117 2.83 -30.62 -12.39
N ALA B 118 2.40 -31.64 -11.64
CA ALA B 118 2.49 -33.01 -12.11
C ALA B 118 1.66 -33.24 -13.36
N ASP B 119 0.48 -32.62 -13.44
CA ASP B 119 -0.39 -32.82 -14.60
C ASP B 119 -0.03 -31.93 -15.78
N GLY B 120 1.06 -31.16 -15.70
CA GLY B 120 1.50 -30.32 -16.79
C GLY B 120 1.08 -28.87 -16.68
N THR B 121 0.17 -28.53 -15.76
CA THR B 121 -0.20 -27.14 -15.56
C THR B 121 0.99 -26.33 -15.05
N VAL B 122 1.20 -25.16 -15.64
CA VAL B 122 2.29 -24.26 -15.28
C VAL B 122 1.73 -23.12 -14.46
N LEU B 123 2.33 -22.89 -13.29
CA LEU B 123 2.02 -21.75 -12.45
C LEU B 123 3.25 -20.87 -12.34
N GLY B 124 3.05 -19.60 -11.99
CA GLY B 124 4.19 -18.73 -11.79
C GLY B 124 3.77 -17.29 -11.62
N GLN B 125 4.79 -16.43 -11.66
CA GLN B 125 4.60 -14.99 -11.56
C GLN B 125 5.49 -14.32 -12.59
N GLN B 126 4.96 -13.31 -13.26
CA GLN B 126 5.75 -12.45 -14.13
C GLN B 126 6.04 -11.16 -13.37
N VAL B 127 7.32 -10.88 -13.15
CA VAL B 127 7.75 -9.73 -12.37
C VAL B 127 8.39 -8.72 -13.31
N THR B 128 7.87 -7.51 -13.32
CA THR B 128 8.39 -6.42 -14.13
C THR B 128 8.53 -5.17 -13.28
N PRO B 129 9.54 -4.34 -13.56
CA PRO B 129 9.67 -3.08 -12.83
C PRO B 129 8.60 -2.10 -13.24
N LEU B 130 8.24 -1.21 -12.30
CA LEU B 130 7.41 -0.08 -12.66
C LEU B 130 8.12 0.76 -13.72
N ASP B 131 7.33 1.37 -14.60
CA ASP B 131 7.90 2.21 -15.65
C ASP B 131 8.57 3.44 -15.07
N ARG B 132 7.90 4.13 -14.14
CA ARG B 132 8.39 5.38 -13.59
C ARG B 132 8.08 5.45 -12.12
N ALA B 133 9.02 6.00 -11.35
CA ALA B 133 8.81 6.27 -9.93
C ALA B 133 9.15 7.73 -9.64
N GLY B 134 8.32 8.36 -8.81
CA GLY B 134 8.55 9.72 -8.38
C GLY B 134 8.99 9.73 -6.91
N LEU B 135 10.08 10.44 -6.65
CA LEU B 135 10.65 10.53 -5.31
C LEU B 135 10.57 11.97 -4.83
N TYR B 136 9.85 12.19 -3.73
CA TYR B 136 9.81 13.49 -3.10
C TYR B 136 10.96 13.62 -2.11
N VAL B 137 11.70 14.70 -2.23
CA VAL B 137 12.82 15.01 -1.34
C VAL B 137 12.59 16.41 -0.78
N PRO B 138 12.61 16.59 0.55
CA PRO B 138 12.43 17.93 1.11
C PRO B 138 13.52 18.87 0.65
N GLY B 139 13.17 20.15 0.55
CA GLY B 139 14.16 21.16 0.22
C GLY B 139 14.91 21.63 1.44
N GLY B 140 15.97 22.38 1.19
CA GLY B 140 16.78 22.95 2.25
C GLY B 140 17.71 21.94 2.91
N LYS B 141 18.19 22.33 4.09
CA LYS B 141 19.20 21.56 4.79
C LYS B 141 18.61 20.33 5.49
N ALA B 142 17.39 20.43 5.98
CA ALA B 142 16.76 19.34 6.75
C ALA B 142 16.15 18.33 5.78
N SER B 143 17.03 17.67 5.02
CA SER B 143 16.61 16.68 4.02
C SER B 143 17.66 15.57 4.04
N TYR B 144 17.32 14.46 4.68
CA TYR B 144 18.30 13.39 4.86
C TYR B 144 18.68 12.79 3.51
N PRO B 145 19.97 12.75 3.17
CA PRO B 145 20.37 12.07 1.92
C PRO B 145 19.95 10.62 1.88
N SER B 146 19.78 9.99 3.04
CA SER B 146 19.24 8.64 3.09
C SER B 146 17.95 8.54 2.29
N SER B 147 17.02 9.49 2.49
CA SER B 147 15.74 9.43 1.80
C SER B 147 15.90 9.33 0.29
N VAL B 148 16.97 9.90 -0.27
CA VAL B 148 17.27 9.69 -1.68
C VAL B 148 17.79 8.28 -1.91
N LEU B 149 18.77 7.87 -1.11
CA LEU B 149 19.42 6.57 -1.31
C LEU B 149 18.44 5.43 -1.07
N MET B 150 17.68 5.48 0.02
CA MET B 150 16.82 4.35 0.37
C MET B 150 15.66 4.16 -0.59
N ASN B 151 15.37 5.12 -1.46
CA ASN B 151 14.27 5.02 -2.41
C ASN B 151 14.73 4.86 -3.84
N ALA B 152 15.68 5.69 -4.29
CA ALA B 152 16.10 5.62 -5.69
C ALA B 152 16.89 4.35 -5.98
N ILE B 153 17.69 3.87 -5.02
CA ILE B 153 18.53 2.70 -5.28
C ILE B 153 17.66 1.45 -5.45
N PRO B 154 16.74 1.12 -4.55
CA PRO B 154 15.89 -0.07 -4.81
C PRO B 154 15.06 0.05 -6.08
N ALA B 155 14.64 1.27 -6.44
CA ALA B 155 13.94 1.45 -7.70
C ALA B 155 14.83 1.09 -8.88
N LYS B 156 16.09 1.55 -8.87
CA LYS B 156 16.99 1.22 -9.95
C LYS B 156 17.38 -0.26 -9.94
N VAL B 157 17.52 -0.84 -8.75
CA VAL B 157 17.84 -2.26 -8.65
C VAL B 157 16.70 -3.10 -9.23
N ALA B 158 15.46 -2.67 -9.00
CA ALA B 158 14.31 -3.35 -9.58
C ALA B 158 14.25 -3.19 -11.09
N GLY B 159 14.86 -2.15 -11.63
CA GLY B 159 14.85 -1.90 -13.05
C GLY B 159 13.93 -0.80 -13.51
N VAL B 160 13.49 0.09 -12.60
CA VAL B 160 12.65 1.20 -13.00
C VAL B 160 13.43 2.07 -13.96
N SER B 161 12.86 2.28 -15.15
CA SER B 161 13.60 2.96 -16.22
C SER B 161 13.76 4.45 -15.93
N GLU B 162 12.82 5.05 -15.23
CA GLU B 162 12.78 6.50 -15.05
C GLU B 162 12.47 6.81 -13.59
N VAL B 163 13.46 7.29 -12.85
CA VAL B 163 13.28 7.72 -11.47
C VAL B 163 13.32 9.25 -11.48
N VAL B 164 12.17 9.85 -11.18
CA VAL B 164 12.01 11.30 -11.20
C VAL B 164 12.02 11.82 -9.77
N MET B 165 12.87 12.79 -9.50
CA MET B 165 12.98 13.41 -8.19
C MET B 165 12.40 14.81 -8.22
N VAL B 166 11.57 15.12 -7.23
CA VAL B 166 11.09 16.49 -7.02
C VAL B 166 11.67 16.99 -5.70
N VAL B 167 12.36 18.12 -5.74
CA VAL B 167 12.92 18.73 -4.55
C VAL B 167 12.76 20.24 -4.67
N PRO B 168 12.02 20.87 -3.77
CA PRO B 168 11.88 22.33 -3.84
C PRO B 168 13.19 23.02 -3.48
N THR B 169 13.41 24.17 -4.10
CA THR B 169 14.58 25.00 -3.84
C THR B 169 14.09 26.35 -3.32
N PRO B 170 13.77 26.42 -2.02
CA PRO B 170 13.27 27.70 -1.47
C PRO B 170 14.33 28.77 -1.56
N ARG B 171 13.96 29.91 -2.14
CA ARG B 171 14.88 31.02 -2.37
C ARG B 171 16.08 30.63 -3.24
N GLY B 172 15.92 29.61 -4.07
CA GLY B 172 17.01 29.11 -4.87
C GLY B 172 18.02 28.28 -4.12
N GLU B 173 17.79 28.02 -2.84
CA GLU B 173 18.76 27.26 -2.04
C GLU B 173 18.78 25.81 -2.48
N ILE B 174 19.99 25.28 -2.71
CA ILE B 174 20.19 23.93 -3.19
C ILE B 174 21.06 23.18 -2.19
N ASN B 175 20.66 21.95 -1.87
CA ASN B 175 21.42 21.08 -0.97
C ASN B 175 22.30 20.18 -1.83
N GLU B 176 23.60 20.50 -1.88
CA GLU B 176 24.50 19.80 -2.79
C GLU B 176 24.66 18.33 -2.40
N ILE B 177 24.61 18.02 -1.10
CA ILE B 177 24.73 16.63 -0.67
C ILE B 177 23.51 15.83 -1.11
N VAL B 178 22.33 16.47 -1.11
CA VAL B 178 21.12 15.79 -1.55
C VAL B 178 21.18 15.52 -3.05
N LEU B 179 21.61 16.52 -3.83
CA LEU B 179 21.74 16.32 -5.27
C LEU B 179 22.84 15.32 -5.59
N ALA B 180 23.94 15.34 -4.82
CA ALA B 180 24.99 14.36 -5.01
C ALA B 180 24.48 12.95 -4.71
N ALA B 181 23.66 12.80 -3.68
CA ALA B 181 23.05 11.51 -3.40
C ALA B 181 22.20 11.05 -4.57
N ALA B 182 21.45 11.97 -5.18
CA ALA B 182 20.64 11.62 -6.34
C ALA B 182 21.50 11.12 -7.50
N CYS B 183 22.67 11.74 -7.70
CA CYS B 183 23.58 11.29 -8.74
C CYS B 183 24.04 9.86 -8.47
N ILE B 184 24.48 9.60 -7.25
CA ILE B 184 24.98 8.27 -6.89
C ILE B 184 23.86 7.24 -7.00
N ALA B 185 22.64 7.61 -6.61
CA ALA B 185 21.52 6.67 -6.60
C ALA B 185 20.93 6.43 -7.98
N GLY B 186 21.32 7.20 -8.99
CA GLY B 186 20.82 6.98 -10.33
C GLY B 186 19.54 7.70 -10.67
N VAL B 187 19.22 8.79 -9.99
CA VAL B 187 18.04 9.57 -10.33
C VAL B 187 18.19 10.10 -11.75
N ASP B 188 17.12 9.98 -12.54
CA ASP B 188 17.17 10.29 -13.97
C ASP B 188 16.89 11.76 -14.27
N ARG B 189 15.84 12.32 -13.68
CA ARG B 189 15.47 13.71 -13.88
C ARG B 189 15.06 14.32 -12.55
N VAL B 190 15.23 15.64 -12.44
CA VAL B 190 14.91 16.38 -11.23
C VAL B 190 14.12 17.62 -11.60
N PHE B 191 13.01 17.84 -10.91
CA PHE B 191 12.24 19.07 -10.99
C PHE B 191 12.34 19.81 -9.66
N THR B 192 12.59 21.11 -9.72
CA THR B 192 12.74 21.92 -8.50
C THR B 192 11.36 22.42 -8.06
N ILE B 193 10.54 21.46 -7.62
CA ILE B 193 9.18 21.73 -7.15
C ILE B 193 8.91 20.89 -5.90
N GLY B 194 7.92 21.32 -5.13
CA GLY B 194 7.57 20.62 -3.91
C GLY B 194 6.11 20.75 -3.54
N GLY B 195 5.77 20.40 -2.30
CA GLY B 195 4.42 20.52 -1.81
C GLY B 195 3.41 19.68 -2.58
N ALA B 196 2.14 20.05 -2.40
CA ALA B 196 1.06 19.35 -3.09
C ALA B 196 1.16 19.51 -4.61
N GLN B 197 1.79 20.60 -5.06
CA GLN B 197 1.99 20.81 -6.50
C GLN B 197 2.81 19.68 -7.10
N ALA B 198 3.93 19.36 -6.46
CA ALA B 198 4.80 18.29 -6.97
C ALA B 198 4.08 16.95 -6.95
N VAL B 199 3.37 16.65 -5.86
CA VAL B 199 2.65 15.38 -5.76
C VAL B 199 1.59 15.29 -6.85
N ALA B 200 0.82 16.37 -7.04
CA ALA B 200 -0.21 16.38 -8.07
C ALA B 200 0.40 16.26 -9.46
N ALA B 201 1.51 16.96 -9.71
CA ALA B 201 2.16 16.88 -11.01
C ALA B 201 2.68 15.48 -11.29
N LEU B 202 3.19 14.80 -10.25
CA LEU B 202 3.68 13.44 -10.43
C LEU B 202 2.53 12.45 -10.56
N ALA B 203 1.43 12.69 -9.83
CA ALA B 203 0.33 11.74 -9.79
C ALA B 203 -0.49 11.77 -11.06
N TYR B 204 -0.74 12.95 -11.62
CA TYR B 204 -1.56 13.10 -12.80
C TYR B 204 -0.78 13.45 -14.06
N GLY B 205 0.45 13.96 -13.91
CA GLY B 205 1.22 14.39 -15.07
C GLY B 205 0.80 15.75 -15.57
N THR B 206 1.78 16.54 -15.99
CA THR B 206 1.53 17.81 -16.66
C THR B 206 2.20 17.76 -18.04
N GLU B 207 2.28 18.92 -18.70
CA GLU B 207 2.96 18.97 -19.99
C GLU B 207 4.43 18.59 -19.86
N SER B 208 5.07 18.97 -18.76
CA SER B 208 6.50 18.76 -18.58
C SER B 208 6.85 17.71 -17.54
N VAL B 209 5.98 17.47 -16.57
CA VAL B 209 6.24 16.49 -15.50
C VAL B 209 5.55 15.19 -15.87
N PRO B 210 6.26 14.06 -15.97
CA PRO B 210 5.60 12.81 -16.36
C PRO B 210 4.79 12.21 -15.23
N ARG B 211 3.63 11.66 -15.59
CA ARG B 211 2.88 10.83 -14.66
C ARG B 211 3.70 9.59 -14.31
N VAL B 212 3.87 9.34 -13.01
CA VAL B 212 4.63 8.20 -12.54
C VAL B 212 3.67 7.13 -12.02
N ASP B 213 4.21 5.94 -11.80
CA ASP B 213 3.42 4.83 -11.29
C ASP B 213 3.37 4.79 -9.77
N LYS B 214 4.34 5.40 -9.09
CA LYS B 214 4.40 5.36 -7.65
C LYS B 214 5.17 6.58 -7.15
N ILE B 215 4.68 7.18 -6.06
CA ILE B 215 5.30 8.35 -5.44
C ILE B 215 5.79 7.93 -4.06
N VAL B 216 7.06 8.20 -3.77
CA VAL B 216 7.71 7.78 -2.52
C VAL B 216 8.46 8.97 -1.94
N GLY B 217 8.76 8.85 -0.65
CA GLY B 217 9.53 9.85 0.03
C GLY B 217 8.80 10.49 1.19
N PRO B 218 9.54 11.08 2.11
CA PRO B 218 8.91 11.74 3.24
C PRO B 218 8.58 13.23 3.08
N GLY B 219 7.34 13.60 3.39
CA GLY B 219 6.97 14.99 3.21
C GLY B 219 6.42 15.67 4.44
N ASN B 220 6.33 17.00 4.37
CA ASN B 220 5.61 17.75 5.38
C ASN B 220 4.12 17.48 5.26
N ILE B 221 3.33 18.19 6.08
CA ILE B 221 1.89 17.92 6.15
C ILE B 221 1.24 18.13 4.78
N TYR B 222 1.75 19.09 3.99
CA TYR B 222 1.17 19.33 2.68
C TYR B 222 1.45 18.18 1.73
N VAL B 223 2.67 17.65 1.74
CA VAL B 223 3.00 16.52 0.90
C VAL B 223 2.28 15.26 1.38
N ALA B 224 2.24 15.06 2.69
CA ALA B 224 1.56 13.89 3.24
C ALA B 224 0.07 13.92 2.93
N THR B 225 -0.56 15.09 3.06
CA THR B 225 -1.98 15.20 2.74
C THR B 225 -2.24 15.00 1.25
N ALA B 226 -1.39 15.59 0.40
CA ALA B 226 -1.54 15.40 -1.04
C ALA B 226 -1.36 13.94 -1.42
N LYS B 227 -0.42 13.25 -0.78
CA LYS B 227 -0.22 11.84 -1.07
C LYS B 227 -1.45 11.02 -0.69
N ARG B 228 -2.09 11.34 0.43
CA ARG B 228 -3.29 10.62 0.84
C ARG B 228 -4.43 10.87 -0.15
N HIS B 229 -4.48 12.04 -0.76
CA HIS B 229 -5.56 12.38 -1.68
C HIS B 229 -5.35 11.83 -3.09
N VAL B 230 -4.11 11.55 -3.48
CA VAL B 230 -3.85 10.98 -4.80
C VAL B 230 -3.74 9.46 -4.68
N PHE B 231 -4.02 8.94 -3.49
CA PHE B 231 -4.01 7.49 -3.30
C PHE B 231 -5.11 6.86 -4.15
N GLY B 232 -4.76 5.79 -4.85
CA GLY B 232 -5.67 5.16 -5.78
C GLY B 232 -5.40 5.61 -7.20
N GLN B 233 -5.13 6.91 -7.36
CA GLN B 233 -4.70 7.43 -8.65
C GLN B 233 -3.28 7.02 -8.98
N VAL B 234 -2.44 6.85 -7.96
CA VAL B 234 -1.04 6.49 -8.14
C VAL B 234 -0.60 5.74 -6.88
N GLY B 235 0.38 4.86 -7.04
CA GLY B 235 0.93 4.17 -5.89
C GLY B 235 1.69 5.12 -4.97
N ILE B 236 1.63 4.83 -3.68
CA ILE B 236 2.34 5.60 -2.67
C ILE B 236 2.98 4.63 -1.67
N ASP B 237 4.09 5.06 -1.09
CA ASP B 237 4.79 4.21 -0.13
C ASP B 237 4.15 4.27 1.24
N MET B 238 3.95 5.47 1.77
CA MET B 238 3.40 5.66 3.10
C MET B 238 3.01 7.12 3.26
N ILE B 239 2.23 7.38 4.30
CA ILE B 239 1.88 8.75 4.71
C ILE B 239 2.64 9.02 5.99
N ALA B 240 3.78 9.69 5.88
CA ALA B 240 4.57 10.01 7.06
C ALA B 240 3.83 10.96 7.97
N GLY B 241 3.96 10.74 9.28
CA GLY B 241 3.37 11.62 10.26
C GLY B 241 4.28 12.78 10.57
N PRO B 242 3.90 13.61 11.54
CA PRO B 242 4.75 14.73 11.92
C PRO B 242 6.08 14.25 12.48
N SER B 243 7.09 15.11 12.36
CA SER B 243 8.40 14.80 12.92
C SER B 243 8.30 14.66 14.43
N GLU B 244 8.73 13.51 14.95
CA GLU B 244 8.62 13.29 16.38
C GLU B 244 9.63 12.24 16.82
N ILE B 245 9.97 12.31 18.10
CA ILE B 245 10.71 11.27 18.80
C ILE B 245 10.14 11.16 20.21
N LEU B 246 10.00 9.94 20.69
CA LEU B 246 9.76 9.68 22.10
C LEU B 246 10.98 8.94 22.63
N VAL B 247 11.61 9.50 23.65
CA VAL B 247 12.72 8.85 24.33
C VAL B 247 12.19 8.34 25.67
N VAL B 248 12.39 7.06 25.92
CA VAL B 248 12.11 6.45 27.22
C VAL B 248 13.46 6.07 27.82
N CYS B 249 13.71 6.51 29.05
CA CYS B 249 15.01 6.32 29.65
C CYS B 249 14.85 5.91 31.11
N ASP B 250 15.63 4.91 31.53
CA ASP B 250 15.64 4.49 32.93
C ASP B 250 16.53 5.35 33.81
N GLY B 251 17.15 6.38 33.25
CA GLY B 251 18.02 7.25 34.00
C GLY B 251 19.48 6.86 34.02
N GLN B 252 19.87 5.80 33.30
CA GLN B 252 21.24 5.33 33.28
C GLN B 252 21.99 5.73 32.01
N THR B 253 21.39 6.55 31.17
CA THR B 253 22.07 7.09 29.99
C THR B 253 22.57 8.49 30.32
N ASP B 254 23.74 8.82 29.77
CA ASP B 254 24.31 10.15 29.89
C ASP B 254 23.27 11.21 29.56
N PRO B 255 22.98 12.14 30.47
CA PRO B 255 21.92 13.12 30.19
C PRO B 255 22.24 14.03 29.01
N ASP B 256 23.52 14.29 28.74
CA ASP B 256 23.87 15.05 27.55
C ASP B 256 23.52 14.29 26.28
N TRP B 257 23.76 12.97 26.27
CA TRP B 257 23.33 12.15 25.13
C TRP B 257 21.82 12.28 24.91
N ILE B 258 21.05 12.17 25.98
CA ILE B 258 19.59 12.20 25.87
C ILE B 258 19.13 13.58 25.40
N ALA B 259 19.73 14.64 25.93
CA ALA B 259 19.38 15.98 25.47
C ALA B 259 19.66 16.15 23.99
N MET B 260 20.83 15.68 23.54
CA MET B 260 21.18 15.80 22.13
C MET B 260 20.29 14.91 21.27
N ASP B 261 19.86 13.77 21.78
CA ASP B 261 18.89 12.94 21.07
C ASP B 261 17.57 13.68 20.88
N LEU B 262 17.14 14.42 21.90
CA LEU B 262 15.97 15.27 21.74
C LEU B 262 16.24 16.39 20.75
N PHE B 263 17.42 17.02 20.84
CA PHE B 263 17.78 18.09 19.90
C PHE B 263 17.79 17.58 18.46
N SER B 264 18.18 16.32 18.26
CA SER B 264 18.27 15.78 16.90
C SER B 264 16.94 15.88 16.18
N GLN B 265 15.86 15.47 16.85
CA GLN B 265 14.53 15.60 16.24
C GLN B 265 14.06 17.05 16.26
N ALA B 266 14.38 17.79 17.33
CA ALA B 266 13.89 19.16 17.45
C ALA B 266 14.46 20.07 16.38
N GLU B 267 15.68 19.80 15.91
CA GLU B 267 16.30 20.66 14.90
C GLU B 267 15.74 20.45 13.51
N HIS B 268 14.92 19.42 13.29
CA HIS B 268 14.44 19.14 11.93
C HIS B 268 13.55 20.26 11.42
N ASP B 269 12.57 20.68 12.22
CA ASP B 269 11.64 21.72 11.81
C ASP B 269 10.96 22.27 13.06
N GLU B 270 10.29 23.41 12.91
CA GLU B 270 9.69 24.09 14.04
C GLU B 270 8.50 23.34 14.64
N ASP B 271 7.87 22.46 13.87
CA ASP B 271 6.71 21.70 14.34
C ASP B 271 7.09 20.33 14.91
N ALA B 272 8.38 20.07 15.10
CA ALA B 272 8.80 18.76 15.58
C ALA B 272 8.43 18.56 17.05
N GLN B 273 8.21 17.31 17.42
CA GLN B 273 7.78 16.92 18.75
C GLN B 273 8.84 16.03 19.38
N SER B 274 9.44 16.48 20.47
CA SER B 274 10.50 15.73 21.15
C SER B 274 10.14 15.59 22.62
N ILE B 275 9.88 14.36 23.05
CA ILE B 275 9.41 14.08 24.40
C ILE B 275 10.32 13.03 25.04
N LEU B 276 10.62 13.21 26.33
CA LEU B 276 11.35 12.24 27.13
C LEU B 276 10.48 11.80 28.29
N VAL B 277 10.43 10.49 28.54
CA VAL B 277 9.68 9.91 29.65
C VAL B 277 10.66 9.11 30.50
N SER B 278 10.59 9.31 31.82
CA SER B 278 11.48 8.59 32.72
C SER B 278 10.88 8.51 34.12
N PRO B 279 11.08 7.40 34.83
CA PRO B 279 10.71 7.35 36.25
C PRO B 279 11.75 7.99 37.17
N ASP B 280 12.91 8.37 36.65
CA ASP B 280 14.02 8.84 37.47
C ASP B 280 13.95 10.36 37.55
N ALA B 281 13.53 10.87 38.70
CA ALA B 281 13.32 12.31 38.85
C ALA B 281 14.62 13.08 38.80
N ALA B 282 15.66 12.60 39.49
CA ALA B 282 16.95 13.29 39.48
C ALA B 282 17.55 13.30 38.08
N PHE B 283 17.36 12.22 37.32
CA PHE B 283 17.86 12.17 35.95
C PHE B 283 17.16 13.21 35.08
N LEU B 284 15.84 13.35 35.23
CA LEU B 284 15.11 14.33 34.43
C LEU B 284 15.59 15.74 34.72
N ASP B 285 15.91 16.04 35.98
CA ASP B 285 16.47 17.35 36.32
C ASP B 285 17.82 17.56 35.63
N ARG B 286 18.62 16.50 35.52
CA ARG B 286 19.92 16.64 34.86
C ARG B 286 19.77 16.83 33.36
N VAL B 287 18.77 16.18 32.76
CA VAL B 287 18.50 16.40 31.34
C VAL B 287 18.05 17.84 31.12
N ALA B 288 17.18 18.35 32.00
CA ALA B 288 16.80 19.77 31.92
C ALA B 288 18.02 20.68 32.02
N ASP B 289 18.94 20.35 32.93
CA ASP B 289 20.21 21.08 33.01
C ASP B 289 21.00 20.92 31.72
N SER B 290 21.07 19.69 31.19
CA SER B 290 21.80 19.45 29.96
C SER B 290 21.22 20.26 28.80
N ILE B 291 19.90 20.36 28.72
CA ILE B 291 19.26 21.11 27.65
C ILE B 291 19.63 22.59 27.75
N ALA B 292 19.56 23.15 28.95
CA ALA B 292 19.87 24.57 29.14
C ALA B 292 21.32 24.86 28.80
N ARG B 293 22.22 23.93 29.14
CA ARG B 293 23.64 24.17 28.90
C ARG B 293 24.00 24.01 27.43
N LEU B 294 23.39 23.04 26.74
CA LEU B 294 23.78 22.70 25.39
C LEU B 294 23.04 23.49 24.31
N LEU B 295 21.84 23.99 24.61
CA LEU B 295 21.03 24.63 23.58
C LEU B 295 21.64 25.88 22.98
N PRO B 296 22.15 26.85 23.76
CA PRO B 296 22.49 28.16 23.18
C PRO B 296 23.44 28.12 21.98
N THR B 297 24.40 27.20 21.94
CA THR B 297 25.38 27.18 20.87
C THR B 297 25.09 26.15 19.79
N MET B 298 23.95 25.48 19.84
CA MET B 298 23.50 24.67 18.71
C MET B 298 23.38 25.54 17.46
N GLU B 299 23.89 25.03 16.34
CA GLU B 299 23.83 25.80 15.11
C GLU B 299 22.39 26.08 14.69
N ARG B 300 21.48 25.14 14.98
CA ARG B 300 20.06 25.32 14.72
C ARG B 300 19.29 25.58 16.01
N ALA B 301 19.88 26.38 16.91
CA ALA B 301 19.29 26.58 18.23
C ALA B 301 17.91 27.22 18.14
N GLU B 302 17.71 28.13 17.18
CA GLU B 302 16.42 28.81 17.06
C GLU B 302 15.32 27.82 16.69
N ILE B 303 15.61 26.89 15.78
CA ILE B 303 14.61 25.88 15.41
C ILE B 303 14.37 24.93 16.58
N ILE B 304 15.44 24.48 17.24
CA ILE B 304 15.30 23.59 18.39
C ILE B 304 14.48 24.24 19.48
N ARG B 305 14.80 25.51 19.78
CA ARG B 305 14.08 26.21 20.84
C ARG B 305 12.60 26.35 20.51
N THR B 306 12.28 26.65 19.24
CA THR B 306 10.89 26.81 18.85
C THR B 306 10.12 25.51 18.99
N SER B 307 10.70 24.41 18.50
CA SER B 307 9.97 23.13 18.53
C SER B 307 9.86 22.59 19.94
N LEU B 308 10.90 22.75 20.77
CA LEU B 308 10.80 22.34 22.16
C LEU B 308 9.78 23.19 22.92
N GLU B 309 9.72 24.49 22.61
CA GLU B 309 8.73 25.35 23.24
C GLU B 309 7.32 24.91 22.87
N GLY B 310 7.09 24.55 21.62
CA GLY B 310 5.77 24.19 21.15
C GLY B 310 5.34 22.77 21.47
N ARG B 311 6.27 21.81 21.39
CA ARG B 311 5.88 20.41 21.52
C ARG B 311 6.88 19.55 22.28
N GLY B 312 7.83 20.14 22.99
CA GLY B 312 8.76 19.36 23.78
C GLY B 312 8.34 19.23 25.23
N ALA B 313 8.82 18.17 25.88
CA ALA B 313 8.47 17.94 27.28
C ALA B 313 9.37 16.86 27.87
N LEU B 314 9.63 16.98 29.16
CA LEU B 314 10.16 15.90 29.99
C LEU B 314 9.04 15.44 30.91
N ILE B 315 8.71 14.16 30.84
CA ILE B 315 7.54 13.61 31.52
C ILE B 315 8.01 12.70 32.65
N GLN B 316 7.60 13.03 33.88
CA GLN B 316 7.88 12.18 35.03
C GLN B 316 6.79 11.13 35.18
N VAL B 317 7.20 9.89 35.41
CA VAL B 317 6.26 8.80 35.67
C VAL B 317 6.69 8.08 36.94
N ALA B 318 5.79 7.23 37.44
CA ALA B 318 6.03 6.56 38.72
C ALA B 318 7.04 5.42 38.59
N ASP B 319 6.97 4.66 37.49
CA ASP B 319 7.80 3.46 37.36
C ASP B 319 7.84 3.05 35.89
N GLN B 320 8.54 1.94 35.63
CA GLN B 320 8.67 1.42 34.27
C GLN B 320 7.30 1.15 33.65
N ALA B 321 6.35 0.64 34.44
CA ALA B 321 5.03 0.35 33.92
C ALA B 321 4.33 1.60 33.42
N GLN B 322 4.37 2.68 34.21
CA GLN B 322 3.73 3.91 33.79
C GLN B 322 4.44 4.55 32.60
N ALA B 323 5.77 4.42 32.54
CA ALA B 323 6.50 4.91 31.37
C ALA B 323 6.01 4.23 30.10
N CYS B 324 5.77 2.92 30.15
CA CYS B 324 5.25 2.22 28.98
C CYS B 324 3.81 2.59 28.70
N ALA B 325 3.02 2.86 29.74
CA ALA B 325 1.64 3.30 29.53
C ALA B 325 1.59 4.64 28.82
N VAL B 326 2.44 5.58 29.24
CA VAL B 326 2.50 6.88 28.58
C VAL B 326 3.01 6.72 27.16
N ALA B 327 4.03 5.87 26.95
CA ALA B 327 4.52 5.62 25.61
C ALA B 327 3.44 5.07 24.70
N ASN B 328 2.59 4.18 25.24
CA ASN B 328 1.51 3.61 24.43
C ASN B 328 0.46 4.66 24.09
N ARG B 329 0.19 5.58 25.02
CA ARG B 329 -0.72 6.68 24.74
C ARG B 329 -0.16 7.60 23.67
N ILE B 330 1.15 7.88 23.72
CA ILE B 330 1.76 8.75 22.73
C ILE B 330 1.78 8.07 21.36
N ALA B 331 1.96 6.75 21.33
CA ALA B 331 2.01 5.98 20.10
C ALA B 331 3.04 6.54 19.12
N PRO B 332 4.32 6.57 19.49
CA PRO B 332 5.31 7.25 18.65
C PRO B 332 5.67 6.42 17.42
N GLU B 333 5.84 7.11 16.29
CA GLU B 333 6.39 6.45 15.11
C GLU B 333 7.87 6.16 15.29
N HIS B 334 8.56 6.88 16.18
CA HIS B 334 9.97 6.67 16.47
C HIS B 334 10.14 6.61 17.98
N LEU B 335 10.67 5.49 18.48
CA LEU B 335 10.84 5.26 19.90
C LEU B 335 12.30 4.95 20.20
N GLU B 336 12.89 5.73 21.11
CA GLU B 336 14.24 5.46 21.59
C GLU B 336 14.14 4.85 22.98
N LEU B 337 14.37 3.54 23.08
CA LEU B 337 14.27 2.82 24.34
C LEU B 337 15.66 2.82 25.00
N SER B 338 15.99 3.97 25.60
CA SER B 338 17.32 4.17 26.19
C SER B 338 17.31 3.64 27.62
N VAL B 339 17.32 2.31 27.72
CA VAL B 339 17.27 1.62 29.01
C VAL B 339 18.29 0.47 28.99
N ALA B 340 18.55 -0.07 30.19
CA ALA B 340 19.54 -1.15 30.32
C ALA B 340 19.03 -2.43 29.70
N ASP B 341 17.72 -2.68 29.74
CA ASP B 341 17.14 -3.94 29.30
C ASP B 341 16.02 -3.66 28.29
N PRO B 342 16.36 -3.15 27.12
CA PRO B 342 15.31 -2.73 26.17
C PRO B 342 14.38 -3.85 25.74
N GLU B 343 14.89 -5.08 25.57
CA GLU B 343 14.02 -6.18 25.17
C GLU B 343 13.05 -6.57 26.28
N SER B 344 13.30 -6.15 27.52
CA SER B 344 12.34 -6.39 28.60
C SER B 344 11.24 -5.35 28.61
N TRP B 345 11.53 -4.13 28.16
CA TRP B 345 10.51 -3.10 28.07
C TRP B 345 9.59 -3.31 26.88
N LEU B 346 10.11 -3.89 25.80
CA LEU B 346 9.37 -4.05 24.56
C LEU B 346 8.02 -4.76 24.70
N PRO B 347 7.88 -5.84 25.49
CA PRO B 347 6.56 -6.49 25.57
C PRO B 347 5.44 -5.59 26.06
N GLU B 348 5.76 -4.55 26.83
CA GLU B 348 4.76 -3.61 27.31
C GLU B 348 4.61 -2.40 26.39
N ILE B 349 5.30 -2.39 25.26
CA ILE B 349 5.18 -1.33 24.26
C ILE B 349 4.29 -1.86 23.15
N ARG B 350 3.07 -1.33 23.08
CA ARG B 350 2.05 -1.85 22.16
C ARG B 350 1.93 -1.04 20.88
N HIS B 351 2.19 0.26 20.94
CA HIS B 351 1.99 1.17 19.80
C HIS B 351 3.27 1.97 19.58
N ALA B 352 4.12 1.46 18.69
CA ALA B 352 5.35 2.15 18.33
C ALA B 352 5.79 1.66 16.96
N GLY B 353 6.39 2.57 16.19
CA GLY B 353 6.93 2.20 14.89
C GLY B 353 8.36 1.73 14.99
N ALA B 354 9.30 2.52 14.46
CA ALA B 354 10.71 2.18 14.55
C ALA B 354 11.20 2.32 15.97
N ILE B 355 12.04 1.37 16.41
CA ILE B 355 12.49 1.32 17.80
C ILE B 355 14.01 1.29 17.82
N PHE B 356 14.60 2.23 18.54
CA PHE B 356 16.03 2.33 18.74
C PHE B 356 16.33 1.93 20.18
N MET B 357 17.13 0.87 20.35
CA MET B 357 17.26 0.21 21.64
C MET B 357 18.62 0.46 22.26
N GLY B 358 18.63 0.69 23.56
CA GLY B 358 19.87 0.80 24.32
C GLY B 358 20.45 2.20 24.26
N ARG B 359 21.54 2.36 25.00
CA ARG B 359 22.14 3.68 25.15
C ARG B 359 23.02 4.07 23.96
N TYR B 360 23.37 3.13 23.10
CA TYR B 360 24.26 3.39 21.98
C TYR B 360 23.53 3.65 20.67
N THR B 361 22.21 3.68 20.68
CA THR B 361 21.43 3.83 19.45
C THR B 361 20.58 5.09 19.53
N ALA B 362 20.97 6.10 18.77
CA ALA B 362 20.18 7.32 18.63
C ALA B 362 19.39 7.26 17.34
N GLU B 363 18.21 7.88 17.34
CA GLU B 363 17.38 7.90 16.14
C GLU B 363 18.03 8.68 15.01
N ALA B 364 19.04 9.50 15.31
CA ALA B 364 19.83 10.12 14.24
C ALA B 364 20.45 9.05 13.35
N LEU B 365 20.79 7.90 13.90
CA LEU B 365 21.23 6.78 13.08
C LEU B 365 20.12 6.28 12.18
N GLY B 366 18.87 6.32 12.65
CA GLY B 366 17.76 5.94 11.79
C GLY B 366 17.59 6.87 10.61
N ASP B 367 17.80 8.17 10.83
CA ASP B 367 17.63 9.13 9.75
C ASP B 367 18.70 9.01 8.68
N TYR B 368 19.85 8.43 9.00
CA TYR B 368 20.99 8.44 8.08
C TYR B 368 21.44 7.06 7.63
N CYS B 369 21.03 5.99 8.32
CA CYS B 369 21.52 4.66 8.01
C CYS B 369 20.40 3.67 7.69
N ALA B 370 19.14 4.02 7.91
CA ALA B 370 18.02 3.15 7.61
C ALA B 370 16.90 3.98 6.98
N GLY B 371 15.89 3.28 6.48
CA GLY B 371 14.70 3.93 5.99
C GLY B 371 13.69 4.13 7.10
N PRO B 372 12.55 4.75 6.78
CA PRO B 372 11.51 4.94 7.80
C PRO B 372 10.91 3.63 8.28
N ASN B 373 11.24 3.23 9.51
CA ASN B 373 10.80 1.97 10.10
C ASN B 373 11.21 0.77 9.23
N HIS B 374 12.39 0.86 8.65
CA HIS B 374 13.01 -0.27 7.97
C HIS B 374 14.26 -0.68 8.74
N VAL B 375 14.59 -1.97 8.68
CA VAL B 375 15.77 -2.45 9.36
C VAL B 375 17.01 -1.88 8.68
N LEU B 376 18.11 -1.84 9.44
CA LEU B 376 19.39 -1.46 8.88
C LEU B 376 19.77 -2.45 7.78
N PRO B 377 20.16 -1.96 6.60
CA PRO B 377 20.54 -2.88 5.52
C PRO B 377 21.89 -3.55 5.75
N THR B 378 21.87 -4.86 6.04
CA THR B 378 23.07 -5.67 6.09
C THR B 378 22.81 -6.98 5.37
N SER B 379 23.90 -7.73 5.13
CA SER B 379 23.75 -9.05 4.52
C SER B 379 22.92 -9.97 5.41
N GLY B 380 23.05 -9.83 6.73
CA GLY B 380 22.26 -10.66 7.63
C GLY B 380 20.78 -10.33 7.58
N THR B 381 20.45 -9.03 7.60
CA THR B 381 19.05 -8.64 7.55
C THR B 381 18.44 -8.84 6.16
N ALA B 382 19.27 -8.92 5.12
CA ALA B 382 18.74 -9.18 3.78
C ALA B 382 18.07 -10.55 3.69
N ARG B 383 18.49 -11.48 4.55
CA ARG B 383 17.91 -12.82 4.56
C ARG B 383 16.41 -12.83 4.85
N PHE B 384 15.89 -11.78 5.47
CA PHE B 384 14.48 -11.71 5.85
C PHE B 384 13.75 -10.85 4.83
N SER B 385 12.94 -11.50 3.99
CA SER B 385 12.25 -10.82 2.90
C SER B 385 11.27 -9.79 3.44
N SER B 386 10.87 -8.88 2.55
CA SER B 386 9.94 -7.81 2.90
C SER B 386 9.34 -7.28 1.61
N PRO B 387 8.03 -7.02 1.55
CA PRO B 387 7.47 -6.41 0.34
C PRO B 387 7.89 -4.97 0.12
N LEU B 388 8.59 -4.35 1.07
CA LEU B 388 9.17 -3.04 0.81
C LEU B 388 10.47 -3.18 0.03
N GLY B 389 11.09 -2.06 -0.29
CA GLY B 389 12.32 -2.09 -1.06
C GLY B 389 12.05 -2.40 -2.51
N VAL B 390 12.80 -3.35 -3.06
CA VAL B 390 12.71 -3.66 -4.48
C VAL B 390 11.29 -4.12 -4.84
N TYR B 391 10.67 -4.90 -3.95
CA TYR B 391 9.32 -5.39 -4.19
C TYR B 391 8.34 -4.25 -4.43
N ASP B 392 8.49 -3.13 -3.70
CA ASP B 392 7.63 -1.96 -3.90
C ASP B 392 7.74 -1.34 -5.29
N PHE B 393 8.85 -1.54 -6.00
CA PHE B 393 9.03 -0.96 -7.31
C PHE B 393 8.84 -1.98 -8.43
N GLN B 394 8.17 -3.08 -8.13
CA GLN B 394 7.89 -4.12 -9.10
C GLN B 394 6.38 -4.36 -9.17
N LYS B 395 5.93 -4.76 -10.35
CA LYS B 395 4.57 -5.24 -10.53
C LYS B 395 4.62 -6.75 -10.72
N ARG B 396 3.68 -7.45 -10.09
CA ARG B 396 3.64 -8.91 -10.16
C ARG B 396 2.33 -9.35 -10.82
N SER B 397 2.45 -10.28 -11.75
CA SER B 397 1.31 -10.84 -12.48
C SER B 397 1.33 -12.36 -12.28
N SER B 398 0.32 -12.87 -11.58
CA SER B 398 0.18 -14.31 -11.46
C SER B 398 -0.15 -14.90 -12.82
N ILE B 399 0.39 -16.09 -13.10
CA ILE B 399 0.11 -16.79 -14.34
C ILE B 399 -0.36 -18.20 -14.01
N ILE B 400 -1.31 -18.69 -14.80
CA ILE B 400 -1.70 -20.09 -14.78
C ILE B 400 -1.89 -20.54 -16.22
N ASN B 401 -1.25 -21.64 -16.58
CA ASN B 401 -1.26 -22.19 -17.93
C ASN B 401 -1.62 -23.65 -17.79
N CYS B 402 -2.93 -23.95 -17.86
CA CYS B 402 -3.38 -25.31 -17.64
C CYS B 402 -3.00 -26.21 -18.81
N SER B 403 -2.55 -27.41 -18.48
CA SER B 403 -2.59 -28.48 -19.46
C SER B 403 -4.04 -28.86 -19.74
N ALA B 404 -4.26 -29.60 -20.82
CA ALA B 404 -5.60 -30.09 -21.10
C ALA B 404 -6.13 -30.90 -19.92
N GLU B 405 -5.29 -31.74 -19.33
CA GLU B 405 -5.74 -32.54 -18.19
C GLU B 405 -5.91 -31.69 -16.95
N GLY B 406 -5.00 -30.73 -16.72
CA GLY B 406 -5.13 -29.87 -15.56
C GLY B 406 -6.39 -29.02 -15.61
N ALA B 407 -6.77 -28.54 -16.79
CA ALA B 407 -8.00 -27.77 -16.94
C ALA B 407 -9.22 -28.64 -16.65
N SER B 408 -9.14 -29.93 -16.94
CA SER B 408 -10.26 -30.82 -16.65
C SER B 408 -10.44 -31.01 -15.15
N VAL B 409 -9.34 -31.21 -14.43
CA VAL B 409 -9.41 -31.38 -12.98
C VAL B 409 -9.93 -30.12 -12.31
N LEU B 410 -9.35 -28.97 -12.65
CA LEU B 410 -9.79 -27.73 -12.05
C LEU B 410 -11.19 -27.34 -12.51
N GLY B 411 -11.56 -27.70 -13.74
CA GLY B 411 -12.87 -27.34 -14.25
C GLY B 411 -14.00 -28.00 -13.50
N ARG B 412 -13.80 -29.24 -13.03
CA ARG B 412 -14.85 -29.91 -12.27
C ARG B 412 -15.12 -29.18 -10.96
N THR B 413 -14.06 -28.70 -10.29
CA THR B 413 -14.24 -27.94 -9.06
C THR B 413 -14.90 -26.59 -9.35
N ALA B 414 -14.44 -25.91 -10.40
CA ALA B 414 -15.04 -24.63 -10.77
C ALA B 414 -16.51 -24.80 -11.15
N SER B 415 -16.83 -25.88 -11.87
CA SER B 415 -18.23 -26.15 -12.22
C SER B 415 -19.10 -26.30 -10.98
N VAL B 416 -18.64 -27.10 -10.02
CA VAL B 416 -19.42 -27.36 -8.80
C VAL B 416 -19.78 -26.04 -8.10
N LEU B 417 -18.78 -25.20 -7.87
CA LEU B 417 -19.03 -23.97 -7.11
C LEU B 417 -19.79 -22.94 -7.94
N ALA B 418 -19.45 -22.81 -9.22
CA ALA B 418 -20.16 -21.85 -10.07
C ALA B 418 -21.62 -22.24 -10.23
N ARG B 419 -21.90 -23.51 -10.50
CA ARG B 419 -23.29 -23.96 -10.61
C ARG B 419 -24.03 -23.76 -9.29
N GLY B 420 -23.36 -24.01 -8.15
CA GLY B 420 -24.00 -23.78 -6.87
C GLY B 420 -24.40 -22.33 -6.66
N GLU B 421 -23.69 -21.40 -7.29
CA GLU B 421 -23.99 -19.98 -7.20
C GLU B 421 -24.79 -19.47 -8.39
N SER B 422 -25.25 -20.36 -9.27
CA SER B 422 -25.98 -20.00 -10.49
C SER B 422 -25.19 -19.04 -11.39
N LEU B 423 -23.86 -19.02 -11.27
CA LEU B 423 -23.02 -18.27 -12.22
C LEU B 423 -22.68 -19.22 -13.37
N THR B 424 -23.67 -19.42 -14.25
CA THR B 424 -23.57 -20.50 -15.21
C THR B 424 -22.62 -20.20 -16.38
N ALA B 425 -22.33 -18.93 -16.66
CA ALA B 425 -21.31 -18.65 -17.66
C ALA B 425 -19.94 -19.05 -17.16
N HIS B 426 -19.64 -18.76 -15.88
CA HIS B 426 -18.45 -19.30 -15.25
C HIS B 426 -18.40 -20.82 -15.39
N ALA B 427 -19.50 -21.49 -15.06
CA ALA B 427 -19.53 -22.95 -15.08
C ALA B 427 -19.31 -23.48 -16.48
N ARG B 428 -20.05 -22.96 -17.46
CA ARG B 428 -19.94 -23.46 -18.82
C ARG B 428 -18.57 -23.17 -19.41
N SER B 429 -17.98 -22.03 -19.07
CA SER B 429 -16.65 -21.70 -19.54
C SER B 429 -15.63 -22.73 -19.04
N ALA B 430 -15.71 -23.11 -17.77
CA ALA B 430 -14.82 -24.15 -17.25
C ALA B 430 -15.19 -25.52 -17.81
N GLU B 431 -16.49 -25.80 -17.96
CA GLU B 431 -16.93 -27.11 -18.40
C GLU B 431 -16.53 -27.40 -19.85
N TYR B 432 -16.38 -26.35 -20.66
CA TYR B 432 -15.94 -26.55 -22.04
C TYR B 432 -14.61 -27.30 -22.11
N ARG B 433 -13.76 -27.14 -21.11
CA ARG B 433 -12.42 -27.70 -21.12
C ARG B 433 -12.31 -29.02 -20.37
N ILE B 434 -13.42 -29.53 -19.81
CA ILE B 434 -13.38 -30.81 -19.12
C ILE B 434 -13.25 -31.92 -20.16
N LEU B 435 -12.34 -32.85 -19.91
CA LEU B 435 -11.99 -33.89 -20.87
C LEU B 435 -12.73 -35.19 -20.59
N ASP B 436 -12.99 -35.94 -21.67
CA ASP B 436 -13.51 -37.30 -21.59
C ASP B 436 -12.88 -38.06 -22.75
N GLU B 437 -11.87 -38.87 -22.45
CA GLU B 437 -11.08 -39.49 -23.51
C GLU B 437 -11.91 -40.44 -24.36
N LYS B 438 -12.95 -41.05 -23.79
CA LYS B 438 -13.79 -41.96 -24.55
C LYS B 438 -14.71 -41.23 -25.53
N GLU B 439 -14.82 -39.92 -25.45
CA GLU B 439 -15.60 -39.17 -26.43
C GLU B 439 -14.86 -39.15 -27.76
N ALA B 440 -15.57 -39.48 -28.83
CA ALA B 440 -14.98 -39.46 -30.15
C ALA B 440 -15.57 -38.31 -30.98
#